data_8EDV
#
_entry.id   8EDV
#
_cell.length_a   91.278
_cell.length_b   91.278
_cell.length_c   366.745
_cell.angle_alpha   90.000
_cell.angle_beta   90.000
_cell.angle_gamma   120.000
#
_symmetry.space_group_name_H-M   'P 31 2 1'
#
loop_
_entity.id
_entity.type
_entity.pdbx_description
1 polymer 'MItoGuArdin homolog'
2 non-polymer DI-PALMITOYL-3-SN-PHOSPHATIDYLETHANOLAMINE
#
_entity_poly.entity_id   1
_entity_poly.type   'polypeptide(L)'
_entity_poly.pdbx_seq_one_letter_code
;SSMNPIEADITSGQELCTELRKTIEKVHHNLEMVKNRSSKDMERSIKIEGILKGLKQVEDEIVLLVPQMEDFRDDNMEFY
SVSGGSGYAGSVRTGRSRTLSVLSDDSFRSAVEEFACDIDDIDFVSDAANLDKNELRFLDEGMQAALNGEVKYRKSRMEF
CKCDSETDFAAKLYCVRQALTNALKDEHKRVWLAKCGRTLLADFIRHTKQDPVKFFNAYDEMLEYVSNDRNEEQLRQDVE
GRGVCETGFYDVAIDFIILDAFEDLKSPPSAVYSVTKNYFMSMSMKYSTLNTIIWSIIKSKRQRLKNPDGFIAKFYNISE
TVMPAITLGFLGTDERLGELCQYFKEQVVQFVLDVFNTQKVCYRSLEEMSEDVWIVMRNRLEAVQTRMSNEL
;
_entity_poly.pdbx_strand_id   A,B,C,D
#
# COMPACT_ATOMS: atom_id res chain seq x y z
N PRO A 5 34.14 -21.83 -12.46
CA PRO A 5 33.03 -21.94 -11.49
C PRO A 5 31.71 -21.49 -12.13
N ILE A 6 31.70 -20.29 -12.71
CA ILE A 6 30.45 -19.75 -13.34
C ILE A 6 30.01 -20.71 -14.43
N GLU A 7 30.96 -21.21 -15.23
CA GLU A 7 30.62 -22.18 -16.30
C GLU A 7 29.97 -23.41 -15.68
N ALA A 8 30.52 -23.89 -14.55
CA ALA A 8 29.93 -25.04 -13.84
C ALA A 8 28.50 -24.68 -13.41
N ASP A 9 28.31 -23.47 -12.88
CA ASP A 9 26.97 -23.04 -12.41
C ASP A 9 25.99 -23.13 -13.58
N ILE A 10 26.33 -22.52 -14.72
CA ILE A 10 25.40 -22.51 -15.89
C ILE A 10 25.26 -23.95 -16.42
N THR A 11 26.36 -24.72 -16.38
CA THR A 11 26.32 -26.12 -16.86
C THR A 11 25.24 -26.88 -16.08
N SER A 12 25.29 -26.80 -14.74
CA SER A 12 24.28 -27.48 -13.89
C SER A 12 22.90 -26.88 -14.20
N GLY A 13 22.82 -25.56 -14.31
CA GLY A 13 21.53 -24.89 -14.59
C GLY A 13 20.93 -25.40 -15.88
N GLN A 14 21.77 -25.59 -16.91
CA GLN A 14 21.28 -26.10 -18.22
C GLN A 14 20.64 -27.47 -17.98
N GLU A 15 21.34 -28.34 -17.23
CA GLU A 15 20.80 -29.69 -16.93
C GLU A 15 19.45 -29.52 -16.23
N LEU A 16 19.38 -28.64 -15.23
CA LEU A 16 18.13 -28.46 -14.45
C LEU A 16 17.00 -28.08 -15.41
N CYS A 17 17.22 -27.07 -16.26
CA CYS A 17 16.15 -26.60 -17.17
C CYS A 17 15.72 -27.73 -18.10
N THR A 18 16.68 -28.48 -18.63
CA THR A 18 16.37 -29.59 -19.56
C THR A 18 15.44 -30.58 -18.86
N GLU A 19 15.81 -31.00 -17.64
CA GLU A 19 14.97 -31.96 -16.88
C GLU A 19 13.63 -31.29 -16.58
N LEU A 20 13.65 -30.00 -16.22
CA LEU A 20 12.40 -29.27 -15.88
C LEU A 20 11.46 -29.31 -17.10
N ARG A 21 12.01 -29.03 -18.29
CA ARG A 21 11.19 -29.08 -19.53
C ARG A 21 10.63 -30.49 -19.67
N LYS A 22 11.48 -31.50 -19.48
CA LYS A 22 11.04 -32.91 -19.61
C LYS A 22 9.84 -33.13 -18.68
N THR A 23 9.95 -32.67 -17.43
CA THR A 23 8.86 -32.86 -16.44
C THR A 23 7.57 -32.20 -16.96
N ILE A 24 7.66 -30.94 -17.38
CA ILE A 24 6.45 -30.21 -17.85
C ILE A 24 5.89 -30.93 -19.08
N GLU A 25 6.77 -31.41 -19.96
CA GLU A 25 6.32 -32.11 -21.18
C GLU A 25 5.44 -33.30 -20.78
N LYS A 26 5.95 -34.14 -19.88
CA LYS A 26 5.17 -35.31 -19.41
C LYS A 26 3.80 -34.83 -18.93
N VAL A 27 3.79 -33.85 -18.03
CA VAL A 27 2.50 -33.35 -17.46
C VAL A 27 1.58 -32.93 -18.60
N HIS A 28 2.09 -32.13 -19.55
CA HIS A 28 1.24 -31.62 -20.65
C HIS A 28 0.67 -32.80 -21.45
N HIS A 29 1.54 -33.72 -21.86
CA HIS A 29 1.08 -34.92 -22.61
C HIS A 29 0.00 -35.62 -21.79
N ASN A 30 0.23 -35.77 -20.49
CA ASN A 30 -0.76 -36.44 -19.60
C ASN A 30 -2.04 -35.61 -19.59
N LEU A 31 -1.96 -34.35 -19.14
CA LEU A 31 -3.16 -33.48 -19.06
C LEU A 31 -3.91 -33.56 -20.38
N GLU A 32 -3.18 -33.62 -21.49
CA GLU A 32 -3.81 -33.68 -22.84
C GLU A 32 -4.79 -34.85 -22.85
N MET A 33 -4.46 -35.94 -22.16
CA MET A 33 -5.33 -37.15 -22.18
C MET A 33 -6.69 -36.86 -21.53
N VAL A 34 -6.72 -36.04 -20.48
CA VAL A 34 -8.01 -35.84 -19.74
C VAL A 34 -8.42 -34.36 -19.75
N SER A 38 -13.00 -31.60 -18.32
CA SER A 38 -13.64 -30.37 -17.74
C SER A 38 -12.94 -29.12 -18.28
N SER A 39 -13.60 -27.97 -18.17
CA SER A 39 -13.00 -26.69 -18.62
C SER A 39 -11.69 -26.47 -17.87
N LYS A 40 -11.69 -26.72 -16.56
CA LYS A 40 -10.47 -26.54 -15.74
C LYS A 40 -9.40 -27.54 -16.19
N ASP A 41 -9.80 -28.78 -16.51
CA ASP A 41 -8.84 -29.78 -17.03
C ASP A 41 -8.18 -29.21 -18.29
N MET A 42 -9.00 -28.77 -19.25
CA MET A 42 -8.46 -28.14 -20.48
C MET A 42 -7.68 -26.90 -20.07
N GLU A 43 -8.22 -26.13 -19.12
CA GLU A 43 -7.56 -24.87 -18.67
C GLU A 43 -6.14 -25.18 -18.20
N ARG A 44 -6.00 -26.22 -17.37
CA ARG A 44 -4.65 -26.60 -16.85
C ARG A 44 -3.76 -26.95 -18.04
N SER A 45 -4.27 -27.75 -18.98
CA SER A 45 -3.47 -28.16 -20.15
C SER A 45 -3.03 -26.90 -20.91
N ILE A 46 -3.94 -25.95 -21.10
CA ILE A 46 -3.61 -24.70 -21.82
C ILE A 46 -2.46 -23.97 -21.10
N LYS A 47 -2.60 -23.77 -19.79
CA LYS A 47 -1.57 -23.03 -19.02
C LYS A 47 -0.24 -23.80 -19.07
N ILE A 48 -0.29 -25.11 -18.85
CA ILE A 48 0.98 -25.91 -18.81
C ILE A 48 1.58 -25.81 -20.21
N GLU A 49 0.75 -25.78 -21.24
CA GLU A 49 1.25 -25.69 -22.63
C GLU A 49 2.07 -24.41 -22.76
N GLY A 50 1.50 -23.28 -22.32
CA GLY A 50 2.23 -22.01 -22.37
C GLY A 50 3.47 -22.06 -21.49
N ILE A 51 3.34 -22.66 -20.30
CA ILE A 51 4.50 -22.79 -19.38
C ILE A 51 5.61 -23.53 -20.11
N LEU A 52 5.26 -24.64 -20.77
CA LEU A 52 6.28 -25.46 -21.49
C LEU A 52 6.93 -24.59 -22.56
N LYS A 53 6.12 -23.83 -23.31
CA LYS A 53 6.67 -23.01 -24.42
C LYS A 53 7.76 -22.08 -23.86
N GLY A 54 7.44 -21.32 -22.82
CA GLY A 54 8.41 -20.38 -22.23
C GLY A 54 9.66 -21.06 -21.71
N LEU A 55 9.49 -22.18 -20.99
CA LEU A 55 10.64 -22.90 -20.41
C LEU A 55 11.57 -23.40 -21.53
N LYS A 56 10.98 -23.84 -22.64
CA LYS A 56 11.78 -24.35 -23.79
C LYS A 56 12.60 -23.16 -24.29
N GLN A 57 11.97 -22.00 -24.48
CA GLN A 57 12.69 -20.80 -24.96
C GLN A 57 13.84 -20.49 -24.00
N VAL A 58 13.55 -20.45 -22.70
CA VAL A 58 14.60 -20.15 -21.68
C VAL A 58 15.69 -21.22 -21.80
N GLU A 59 15.27 -22.48 -21.97
CA GLU A 59 16.26 -23.59 -22.07
C GLU A 59 17.20 -23.28 -23.23
N ASP A 60 16.65 -22.92 -24.38
CA ASP A 60 17.49 -22.63 -25.57
C ASP A 60 18.46 -21.49 -25.23
N GLU A 61 17.94 -20.43 -24.59
CA GLU A 61 18.79 -19.27 -24.24
C GLU A 61 19.93 -19.75 -23.35
N ILE A 62 19.62 -20.54 -22.33
CA ILE A 62 20.67 -21.08 -21.42
C ILE A 62 21.67 -21.87 -22.24
N VAL A 63 21.17 -22.73 -23.14
CA VAL A 63 22.05 -23.60 -23.96
C VAL A 63 23.02 -22.71 -24.75
N LEU A 64 22.53 -21.63 -25.34
CA LEU A 64 23.39 -20.73 -26.16
C LEU A 64 24.41 -20.03 -25.26
N ALA A 116 22.40 -6.64 4.61
CA ALA A 116 22.61 -5.24 4.19
C ALA A 116 23.11 -5.21 2.74
N CYS A 117 22.54 -4.32 1.92
CA CYS A 117 22.93 -4.24 0.49
C CYS A 117 24.03 -3.18 0.32
N ASP A 118 25.18 -3.58 -0.23
CA ASP A 118 26.28 -2.60 -0.50
C ASP A 118 25.87 -1.69 -1.66
N ILE A 119 26.30 -0.42 -1.62
CA ILE A 119 25.99 0.54 -2.72
C ILE A 119 27.32 0.97 -3.35
N ASP A 120 27.60 0.53 -4.57
CA ASP A 120 28.91 0.83 -5.21
C ASP A 120 29.09 2.33 -5.42
N ASP A 121 30.34 2.79 -5.45
CA ASP A 121 30.63 4.23 -5.68
C ASP A 121 32.05 4.35 -6.24
N ILE A 122 32.32 5.39 -7.03
CA ILE A 122 33.68 5.56 -7.65
C ILE A 122 34.72 5.44 -6.54
N ASP A 123 35.58 4.41 -6.62
CA ASP A 123 36.65 4.19 -5.64
C ASP A 123 38.00 3.66 -6.14
N PHE A 124 38.88 4.56 -6.59
CA PHE A 124 40.18 4.11 -7.17
C PHE A 124 41.27 5.15 -6.86
N VAL A 125 41.93 5.02 -5.71
CA VAL A 125 43.05 5.94 -5.37
C VAL A 125 44.32 5.11 -5.24
N SER A 126 45.39 5.51 -5.95
CA SER A 126 46.66 4.74 -5.92
C SER A 126 47.85 5.72 -5.98
N ASP A 127 49.05 5.23 -5.64
CA ASP A 127 50.25 6.11 -5.63
C ASP A 127 51.50 5.24 -5.78
N ALA A 128 52.67 5.88 -5.91
CA ALA A 128 53.94 5.13 -6.07
C ALA A 128 54.18 4.28 -4.83
N ALA A 129 54.73 3.08 -5.00
CA ALA A 129 55.04 2.20 -3.85
C ALA A 129 56.44 1.61 -4.04
N ASN A 130 57.16 1.38 -2.93
CA ASN A 130 58.50 0.76 -2.99
C ASN A 130 58.35 -0.76 -2.91
N LEU A 131 58.32 -1.46 -4.07
CA LEU A 131 58.09 -2.94 -4.09
C LEU A 131 59.15 -3.66 -4.95
N ASP A 132 60.44 -3.37 -4.74
CA ASP A 132 61.57 -3.99 -5.48
C ASP A 132 62.56 -4.90 -4.75
N LYS A 133 62.39 -5.05 -3.43
CA LYS A 133 63.33 -5.88 -2.62
C LYS A 133 62.56 -6.96 -1.86
N ASN A 134 63.25 -8.04 -1.47
CA ASN A 134 62.61 -9.14 -0.71
C ASN A 134 63.08 -9.08 0.75
N GLU A 135 64.16 -8.34 1.02
CA GLU A 135 64.71 -8.27 2.40
C GLU A 135 63.97 -7.18 3.18
N LEU A 136 63.19 -7.59 4.19
CA LEU A 136 62.40 -6.61 4.99
C LEU A 136 62.70 -6.85 6.47
N ARG A 137 63.85 -6.35 6.95
CA ARG A 137 64.26 -6.60 8.35
C ARG A 137 63.11 -6.28 9.31
N PHE A 138 62.40 -5.17 9.08
CA PHE A 138 61.30 -4.77 10.00
C PHE A 138 60.27 -5.90 10.06
N LEU A 139 59.88 -6.40 8.88
CA LEU A 139 58.90 -7.53 8.83
C LEU A 139 59.50 -8.72 9.56
N ASP A 140 60.79 -9.00 9.32
CA ASP A 140 61.46 -10.16 9.98
C ASP A 140 61.45 -9.94 11.49
N GLU A 141 61.69 -8.70 11.92
CA GLU A 141 61.67 -8.38 13.37
C GLU A 141 60.30 -8.75 13.93
N GLY A 142 59.23 -8.26 13.29
CA GLY A 142 57.87 -8.64 13.72
C GLY A 142 57.69 -10.13 13.58
N MET A 143 58.14 -10.69 12.46
CA MET A 143 58.06 -12.16 12.26
C MET A 143 58.68 -12.83 13.49
N GLN A 144 59.94 -12.51 13.77
CA GLN A 144 60.63 -13.17 14.91
C GLN A 144 59.79 -12.99 16.16
N ALA A 145 59.34 -11.75 16.40
CA ALA A 145 58.51 -11.46 17.59
C ALA A 145 57.24 -12.31 17.54
N ALA A 146 56.59 -12.36 16.36
CA ALA A 146 55.37 -13.18 16.21
C ALA A 146 55.70 -14.62 16.58
N LEU A 147 56.79 -15.16 16.05
CA LEU A 147 57.23 -16.53 16.41
C LEU A 147 57.57 -16.55 17.89
N ASN A 148 58.06 -15.43 18.42
CA ASN A 148 58.43 -15.35 19.86
C ASN A 148 57.17 -15.52 20.72
N GLY A 149 56.00 -15.13 20.18
CA GLY A 149 54.76 -15.27 20.94
C GLY A 149 54.36 -14.01 21.68
N GLU A 150 54.61 -12.86 21.08
CA GLU A 150 54.32 -11.57 21.71
C GLU A 150 53.32 -10.74 20.92
N VAL A 151 52.55 -11.37 20.05
CA VAL A 151 51.52 -10.68 19.25
C VAL A 151 50.19 -11.29 19.65
N LYS A 152 49.50 -10.61 20.57
CA LYS A 152 48.15 -11.07 21.00
C LYS A 152 47.10 -10.21 20.29
N TYR A 153 46.43 -10.77 19.28
CA TYR A 153 45.40 -10.02 18.52
C TYR A 153 44.07 -10.05 19.29
N ARG A 154 43.05 -9.37 18.77
CA ARG A 154 41.70 -9.41 19.41
C ARG A 154 40.72 -10.00 18.39
N LYS A 155 41.03 -9.93 17.10
CA LYS A 155 40.09 -10.40 16.06
C LYS A 155 40.82 -11.26 15.02
N SER A 156 42.11 -11.02 14.80
CA SER A 156 42.90 -11.77 13.79
C SER A 156 42.23 -11.65 12.41
N ARG A 157 42.18 -10.45 11.85
CA ARG A 157 41.59 -10.25 10.50
C ARG A 157 42.66 -10.57 9.44
N MET A 158 43.23 -11.78 9.50
CA MET A 158 44.29 -12.18 8.54
C MET A 158 43.72 -12.21 7.12
N GLU A 159 42.60 -12.92 6.94
CA GLU A 159 41.97 -13.02 5.60
C GLU A 159 41.55 -11.62 5.14
N PHE A 160 41.01 -10.82 6.05
CA PHE A 160 40.61 -9.43 5.71
C PHE A 160 41.85 -8.66 5.23
N CYS A 161 43.01 -8.96 5.83
CA CYS A 161 44.27 -8.27 5.44
C CYS A 161 44.95 -9.05 4.32
N LYS A 162 44.32 -10.12 3.82
CA LYS A 162 44.88 -10.86 2.69
C LYS A 162 46.32 -11.27 2.94
N CYS A 163 46.54 -11.91 4.09
CA CYS A 163 47.87 -12.40 4.43
C CYS A 163 47.98 -13.90 4.20
N ASP A 164 49.20 -14.42 4.37
CA ASP A 164 49.47 -15.81 4.09
C ASP A 164 48.94 -16.71 5.20
N SER A 165 49.27 -16.38 6.44
CA SER A 165 48.88 -17.18 7.60
C SER A 165 48.82 -16.25 8.80
N GLU A 166 48.37 -16.81 9.93
CA GLU A 166 48.35 -16.04 11.17
C GLU A 166 49.72 -15.42 11.44
N THR A 167 50.79 -16.16 11.12
CA THR A 167 52.13 -15.67 11.38
C THR A 167 52.47 -14.46 10.52
N ASP A 168 52.07 -14.46 9.25
CA ASP A 168 52.35 -13.29 8.40
C ASP A 168 51.53 -12.09 8.85
N PHE A 169 50.28 -12.32 9.24
CA PHE A 169 49.47 -11.25 9.82
C PHE A 169 50.08 -10.79 11.13
N ALA A 170 50.37 -11.74 12.03
CA ALA A 170 50.97 -11.40 13.32
C ALA A 170 52.20 -10.52 13.16
N ALA A 171 53.03 -10.80 12.16
CA ALA A 171 54.21 -9.98 11.92
C ALA A 171 53.82 -8.62 11.37
N LYS A 172 53.05 -8.60 10.28
CA LYS A 172 52.64 -7.33 9.68
C LYS A 172 51.88 -6.46 10.66
N LEU A 173 51.08 -7.08 11.53
CA LEU A 173 50.35 -6.29 12.56
C LEU A 173 51.38 -5.60 13.46
N TYR A 174 52.24 -6.38 14.11
CA TYR A 174 53.26 -5.82 14.98
C TYR A 174 54.00 -4.68 14.29
N CYS A 175 54.27 -4.82 13.01
CA CYS A 175 54.91 -3.74 12.26
C CYS A 175 53.98 -2.56 12.07
N VAL A 176 52.71 -2.81 11.74
CA VAL A 176 51.79 -1.72 11.45
C VAL A 176 51.54 -0.99 12.76
N ARG A 177 51.41 -1.74 13.87
CA ARG A 177 51.31 -1.07 15.16
C ARG A 177 52.43 -0.05 15.34
N GLN A 178 53.67 -0.52 15.18
CA GLN A 178 54.82 0.37 15.29
C GLN A 178 54.83 1.60 14.38
N ALA A 179 54.54 1.40 13.10
CA ALA A 179 54.58 2.50 12.14
C ALA A 179 53.53 3.57 12.47
N LEU A 180 52.30 3.14 12.78
CA LEU A 180 51.23 4.10 13.05
C LEU A 180 51.53 4.93 14.29
N THR A 181 51.81 4.27 15.41
CA THR A 181 52.12 4.99 16.64
C THR A 181 53.37 5.85 16.45
N ASN A 182 54.33 5.38 15.66
CA ASN A 182 55.54 6.15 15.42
C ASN A 182 55.22 7.44 14.66
N ALA A 183 54.46 7.33 13.56
CA ALA A 183 54.09 8.52 12.81
C ALA A 183 53.24 9.47 13.65
N LEU A 184 52.39 8.92 14.52
CA LEU A 184 51.57 9.73 15.40
C LEU A 184 52.35 10.28 16.60
N LYS A 185 53.66 10.00 16.69
CA LYS A 185 54.49 10.70 17.64
C LYS A 185 54.57 12.20 17.32
N ASP A 186 54.45 12.55 16.04
CA ASP A 186 54.42 13.94 15.63
C ASP A 186 53.08 14.54 16.05
N GLU A 187 53.13 15.63 16.82
CA GLU A 187 51.90 16.26 17.29
C GLU A 187 51.15 16.96 16.17
N HIS A 188 51.84 17.44 15.15
CA HIS A 188 51.17 18.08 14.03
C HIS A 188 50.33 17.06 13.26
N LYS A 189 50.84 15.82 13.12
CA LYS A 189 50.09 14.79 12.42
C LYS A 189 48.84 14.39 13.18
N ARG A 190 48.94 14.24 14.49
CA ARG A 190 47.75 14.00 15.31
C ARG A 190 46.74 15.13 15.15
N VAL A 191 47.22 16.38 15.18
CA VAL A 191 46.31 17.52 15.06
C VAL A 191 45.64 17.53 13.69
N TRP A 192 46.41 17.29 12.64
CA TRP A 192 45.84 17.25 11.30
C TRP A 192 44.82 16.13 11.16
N LEU A 193 45.16 14.94 11.65
CA LEU A 193 44.27 13.79 11.51
C LEU A 193 42.96 14.03 12.25
N ALA A 194 43.03 14.56 13.47
CA ALA A 194 41.81 14.88 14.21
C ALA A 194 40.97 15.90 13.45
N LYS A 195 41.59 16.96 12.97
CA LYS A 195 40.86 17.98 12.21
C LYS A 195 40.22 17.38 10.96
N CYS A 196 40.91 16.44 10.31
CA CYS A 196 40.37 15.84 9.10
C CYS A 196 39.17 14.95 9.42
N GLY A 197 39.31 14.08 10.42
CA GLY A 197 38.17 13.26 10.82
C GLY A 197 36.99 14.09 11.29
N ARG A 198 37.26 15.24 11.92
CA ARG A 198 36.19 16.13 12.34
C ARG A 198 35.43 16.67 11.13
N THR A 199 36.14 17.32 10.21
CA THR A 199 35.48 17.90 9.04
C THR A 199 34.84 16.82 8.17
N LEU A 200 35.39 15.62 8.17
CA LEU A 200 34.80 14.53 7.38
C LEU A 200 33.44 14.12 7.95
N LEU A 201 33.42 13.73 9.23
CA LEU A 201 32.16 13.35 9.87
C LEU A 201 31.19 14.53 9.93
N ALA A 202 31.71 15.76 10.09
CA ALA A 202 30.85 16.93 10.09
C ALA A 202 30.18 17.12 8.73
N ASP A 203 30.97 17.05 7.66
CA ASP A 203 30.39 17.17 6.32
C ASP A 203 29.30 16.14 6.05
N PHE A 204 29.48 14.91 6.52
CA PHE A 204 28.44 13.90 6.34
C PHE A 204 27.19 14.23 7.16
N ILE A 205 27.37 14.53 8.45
CA ILE A 205 26.22 14.85 9.29
C ILE A 205 25.53 16.05 8.65
N ARG A 206 26.30 16.93 8.01
CA ARG A 206 25.69 17.99 7.23
C ARG A 206 24.84 17.43 6.10
N HIS A 207 25.40 16.47 5.36
CA HIS A 207 24.70 15.90 4.21
C HIS A 207 23.37 15.25 4.55
N THR A 208 23.16 14.82 5.79
CA THR A 208 21.86 14.35 6.24
C THR A 208 20.96 15.48 6.68
N LYS A 209 21.27 16.72 6.25
CA LYS A 209 20.47 17.89 6.59
C LYS A 209 20.34 18.05 8.10
N GLN A 210 21.42 17.77 8.82
CA GLN A 210 21.48 17.82 10.27
C GLN A 210 22.53 18.84 10.70
N ASP A 211 22.56 19.12 12.01
CA ASP A 211 23.52 20.05 12.58
C ASP A 211 24.57 19.28 13.38
N PRO A 212 25.86 19.48 13.11
CA PRO A 212 26.89 18.66 13.75
C PRO A 212 27.46 19.26 15.03
N VAL A 213 26.72 20.13 15.71
CA VAL A 213 27.26 20.77 16.91
C VAL A 213 27.52 19.73 17.99
N LYS A 214 26.53 18.87 18.26
CA LYS A 214 26.70 17.88 19.32
C LYS A 214 27.85 16.93 18.98
N PHE A 215 28.02 16.59 17.70
CA PHE A 215 29.18 15.80 17.32
C PHE A 215 30.47 16.53 17.63
N PHE A 216 30.51 17.83 17.31
CA PHE A 216 31.69 18.63 17.64
C PHE A 216 31.99 18.60 19.13
N ASN A 217 30.95 18.67 19.95
CA ASN A 217 31.13 18.60 21.40
C ASN A 217 31.70 17.25 21.81
N ALA A 218 31.12 16.16 21.30
CA ALA A 218 31.63 14.84 21.64
C ALA A 218 33.01 14.61 21.05
N TYR A 219 33.24 15.04 19.81
CA TYR A 219 34.55 14.92 19.19
C TYR A 219 35.60 15.69 19.98
N ASP A 220 35.29 16.94 20.33
CA ASP A 220 36.25 17.74 21.08
C ASP A 220 36.45 17.19 22.48
N GLU A 221 35.34 16.83 23.16
CA GLU A 221 35.46 16.23 24.48
C GLU A 221 36.37 15.02 24.43
N MET A 222 36.25 14.22 23.35
CA MET A 222 37.10 13.05 23.17
C MET A 222 38.54 13.43 22.81
N LEU A 223 38.72 14.51 22.07
CA LEU A 223 40.07 14.93 21.72
C LEU A 223 40.86 15.34 22.95
N GLU A 224 40.22 16.05 23.89
CA GLU A 224 40.88 16.42 25.13
C GLU A 224 41.27 15.21 25.96
N TYR A 225 40.44 14.16 25.95
CA TYR A 225 40.71 12.98 26.77
C TYR A 225 42.00 12.29 26.32
N VAL A 226 42.15 12.04 25.02
CA VAL A 226 43.30 11.30 24.54
C VAL A 226 44.56 12.16 24.59
N SER A 227 44.43 13.46 24.36
CA SER A 227 45.60 14.32 24.45
C SER A 227 46.12 14.40 25.89
N ASN A 228 45.22 14.36 26.86
CA ASN A 228 45.60 14.36 28.27
C ASN A 228 46.09 12.97 28.64
N ASP A 229 47.39 12.83 28.85
CA ASP A 229 47.99 11.53 29.10
C ASP A 229 47.67 10.97 30.48
N ARG A 230 47.16 11.79 31.40
CA ARG A 230 46.81 11.29 32.72
C ARG A 230 45.66 10.29 32.65
N ASN A 231 44.91 10.28 31.56
CA ASN A 231 43.82 9.33 31.35
C ASN A 231 44.26 8.04 30.67
N GLU A 232 45.56 7.81 30.54
CA GLU A 232 46.03 6.63 29.80
C GLU A 232 45.64 5.34 30.49
N GLU A 233 45.85 5.25 31.81
CA GLU A 233 45.51 4.04 32.54
C GLU A 233 44.03 3.69 32.38
N GLN A 234 43.15 4.69 32.58
CA GLN A 234 41.72 4.43 32.41
C GLN A 234 41.40 3.97 30.99
N LEU A 235 41.99 4.62 29.98
CA LEU A 235 41.76 4.20 28.60
C LEU A 235 42.15 2.75 28.39
N ARG A 236 43.22 2.31 29.05
CA ARG A 236 43.60 0.89 28.99
C ARG A 236 42.57 0.04 29.71
N GLN A 237 42.26 0.38 30.98
CA GLN A 237 41.32 -0.39 31.77
C GLN A 237 40.02 -0.62 31.01
N ASP A 238 39.60 0.37 30.22
CA ASP A 238 38.40 0.23 29.41
C ASP A 238 38.60 -0.78 28.29
N VAL A 239 39.49 -0.48 27.35
CA VAL A 239 39.66 -1.32 26.17
C VAL A 239 40.13 -2.72 26.55
N GLU A 240 41.03 -2.82 27.54
CA GLU A 240 41.45 -4.14 27.99
C GLU A 240 40.28 -4.92 28.58
N GLY A 241 39.35 -4.23 29.23
CA GLY A 241 38.16 -4.91 29.73
C GLY A 241 37.25 -5.37 28.64
N ARG A 242 37.33 -4.75 27.46
CA ARG A 242 36.60 -5.17 26.28
C ARG A 242 37.42 -6.09 25.37
N GLY A 243 38.54 -6.63 25.88
CA GLY A 243 39.33 -7.61 25.18
C GLY A 243 40.40 -7.06 24.26
N VAL A 244 40.60 -5.74 24.21
CA VAL A 244 41.67 -5.17 23.41
C VAL A 244 42.99 -5.30 24.17
N CYS A 245 44.07 -5.60 23.45
CA CYS A 245 45.36 -5.88 24.08
C CYS A 245 46.24 -4.65 24.29
N GLU A 246 46.62 -3.99 23.20
CA GLU A 246 47.43 -2.77 23.27
C GLU A 246 46.55 -1.57 22.99
N THR A 247 47.07 -0.39 23.34
CA THR A 247 46.34 0.87 23.21
C THR A 247 46.84 1.78 22.08
N GLY A 248 47.51 1.23 21.08
CA GLY A 248 47.92 2.02 19.94
C GLY A 248 46.72 2.54 19.17
N PHE A 249 47.01 3.29 18.11
CA PHE A 249 45.93 3.85 17.31
C PHE A 249 45.17 2.74 16.58
N TYR A 250 45.89 1.85 15.90
CA TYR A 250 45.23 0.82 15.10
C TYR A 250 44.36 -0.07 15.98
N ASP A 251 44.89 -0.49 17.13
CA ASP A 251 44.17 -1.44 17.97
C ASP A 251 42.89 -0.84 18.54
N VAL A 252 42.95 0.43 18.94
CA VAL A 252 41.81 1.08 19.58
C VAL A 252 40.92 1.78 18.57
N ALA A 253 41.50 2.48 17.60
CA ALA A 253 40.74 3.27 16.64
C ALA A 253 40.28 2.44 15.45
N ILE A 254 41.20 1.77 14.76
CA ILE A 254 40.86 1.07 13.53
C ILE A 254 40.13 -0.22 13.83
N ASP A 255 40.78 -1.14 14.56
CA ASP A 255 40.22 -2.46 14.78
C ASP A 255 39.01 -2.41 15.72
N PHE A 256 39.08 -1.60 16.78
CA PHE A 256 38.08 -1.67 17.84
C PHE A 256 36.84 -0.85 17.51
N ILE A 257 36.99 0.28 16.83
CA ILE A 257 35.88 1.21 16.64
C ILE A 257 35.36 1.11 15.22
N ILE A 258 36.17 1.57 14.25
CA ILE A 258 35.70 1.67 12.87
C ILE A 258 35.42 0.29 12.30
N LEU A 259 36.44 -0.58 12.27
CA LEU A 259 36.28 -1.88 11.60
C LEU A 259 35.17 -2.70 12.22
N ASP A 260 35.02 -2.65 13.54
CA ASP A 260 33.86 -3.28 14.16
C ASP A 260 32.56 -2.60 13.74
N ALA A 261 32.60 -1.28 13.53
CA ALA A 261 31.40 -0.57 13.12
C ALA A 261 30.97 -0.97 11.71
N PHE A 262 31.92 -1.07 10.78
CA PHE A 262 31.59 -1.57 9.45
C PHE A 262 31.07 -3.00 9.52
N GLU A 263 31.53 -3.77 10.51
CA GLU A 263 31.04 -5.13 10.68
C GLU A 263 29.64 -5.13 11.29
N ASP A 264 29.41 -4.30 12.30
CA ASP A 264 28.11 -4.22 12.93
C ASP A 264 27.04 -3.69 11.97
N LEU A 265 27.42 -2.82 11.05
CA LEU A 265 26.49 -2.31 10.05
C LEU A 265 26.14 -3.34 8.99
N LYS A 266 26.83 -4.47 8.94
CA LYS A 266 26.51 -5.52 7.98
C LYS A 266 25.49 -6.52 8.52
N SER A 267 25.27 -6.55 9.84
CA SER A 267 24.31 -7.45 10.46
C SER A 267 23.41 -6.67 11.42
N PRO A 268 22.56 -5.81 10.87
CA PRO A 268 21.66 -5.03 11.74
C PRO A 268 20.45 -5.86 12.15
N PRO A 269 19.85 -5.55 13.30
CA PRO A 269 18.63 -6.25 13.68
C PRO A 269 17.55 -6.12 12.61
N SER A 270 16.72 -7.16 12.48
CA SER A 270 15.65 -7.15 11.49
C SER A 270 14.77 -5.91 11.63
N ALA A 271 14.65 -5.39 12.84
CA ALA A 271 13.78 -4.23 13.05
C ALA A 271 14.36 -2.96 12.43
N VAL A 272 15.60 -2.61 12.80
CA VAL A 272 16.17 -1.34 12.38
C VAL A 272 16.32 -1.27 10.86
N TYR A 273 16.70 -2.39 10.23
CA TYR A 273 16.92 -2.36 8.79
C TYR A 273 15.56 -2.31 8.10
N SER A 274 14.57 -3.02 8.64
CA SER A 274 13.23 -2.93 8.08
C SER A 274 12.72 -1.49 8.10
N VAL A 275 13.15 -0.72 9.11
CA VAL A 275 12.77 0.68 9.21
C VAL A 275 13.56 1.55 8.24
N THR A 276 14.88 1.33 8.16
CA THR A 276 15.72 2.14 7.29
C THR A 276 15.32 1.98 5.82
N LYS A 277 15.08 0.74 5.38
CA LYS A 277 14.79 0.46 3.98
C LYS A 277 13.32 0.64 3.63
N ASN A 278 12.58 1.42 4.43
CA ASN A 278 11.17 1.67 4.17
C ASN A 278 11.04 2.77 3.12
N TYR A 279 10.68 2.37 1.90
CA TYR A 279 10.53 3.33 0.81
C TYR A 279 9.33 4.24 0.97
N PHE A 280 8.60 4.15 2.09
CA PHE A 280 7.45 5.00 2.35
C PHE A 280 7.76 5.99 3.47
N MET A 281 9.00 6.01 3.96
CA MET A 281 9.43 6.98 4.96
C MET A 281 10.33 8.03 4.33
N SER A 282 10.18 9.27 4.80
CA SER A 282 11.03 10.34 4.33
C SER A 282 12.42 10.17 4.94
N MET A 283 13.39 10.94 4.43
CA MET A 283 14.70 10.99 5.07
C MET A 283 14.59 11.46 6.51
N SER A 284 13.76 12.48 6.75
CA SER A 284 13.58 12.98 8.11
C SER A 284 13.06 11.97 9.12
N MET A 285 11.97 11.28 8.79
CA MET A 285 11.41 10.28 9.70
C MET A 285 12.31 9.04 9.90
N LYS A 286 13.09 8.72 8.86
CA LYS A 286 14.03 7.60 8.95
C LYS A 286 15.04 8.04 10.01
N TYR A 287 15.66 9.21 9.80
CA TYR A 287 16.68 9.68 10.73
C TYR A 287 16.13 9.85 12.14
N SER A 288 14.92 10.40 12.26
CA SER A 288 14.34 10.61 13.58
C SER A 288 14.15 9.29 14.32
N THR A 289 13.62 8.28 13.62
CA THR A 289 13.46 6.96 14.24
C THR A 289 14.81 6.37 14.64
N LEU A 290 15.82 6.51 13.77
CA LEU A 290 17.12 5.93 14.06
C LEU A 290 17.76 6.57 15.28
N ASN A 291 17.67 7.90 15.40
CA ASN A 291 18.30 8.56 16.54
C ASN A 291 17.67 8.12 17.85
N THR A 292 16.34 7.98 17.88
CA THR A 292 15.68 7.51 19.09
C THR A 292 16.19 6.13 19.50
N ILE A 293 16.32 5.22 18.53
CA ILE A 293 16.80 3.87 18.82
C ILE A 293 18.24 3.92 19.31
N ILE A 294 19.11 4.62 18.57
CA ILE A 294 20.52 4.65 18.94
C ILE A 294 20.71 5.33 20.29
N TRP A 295 20.02 6.45 20.50
CA TRP A 295 20.12 7.14 21.79
C TRP A 295 19.70 6.21 22.93
N SER A 296 18.63 5.45 22.74
CA SER A 296 18.13 4.60 23.81
C SER A 296 19.04 3.39 24.04
N ILE A 297 19.66 2.87 22.98
CA ILE A 297 20.59 1.76 23.14
C ILE A 297 21.86 2.22 23.84
N ILE A 298 22.40 3.36 23.43
CA ILE A 298 23.62 3.86 24.05
C ILE A 298 23.35 4.27 25.49
N LYS A 299 22.15 4.81 25.75
CA LYS A 299 21.73 5.00 27.14
C LYS A 299 21.67 3.66 27.87
N SER A 300 21.17 2.62 27.19
CA SER A 300 21.08 1.31 27.81
C SER A 300 22.46 0.69 28.03
N LYS A 301 23.39 0.94 27.12
CA LYS A 301 24.75 0.44 27.30
C LYS A 301 25.52 1.26 28.33
N ARG A 302 25.29 2.57 28.36
CA ARG A 302 26.02 3.43 29.28
C ARG A 302 25.76 3.04 30.73
N GLN A 303 24.60 2.42 30.99
CA GLN A 303 24.30 1.96 32.34
C GLN A 303 25.29 0.90 32.82
N ARG A 304 25.81 0.08 31.90
CA ARG A 304 26.67 -1.04 32.26
C ARG A 304 28.12 -0.63 32.47
N LEU A 305 28.51 0.59 32.10
CA LEU A 305 29.90 0.99 32.19
C LEU A 305 30.33 1.13 33.64
N LYS A 306 31.61 0.81 33.89
CA LYS A 306 32.19 0.96 35.22
C LYS A 306 32.65 2.37 35.54
N ASN A 307 32.78 3.24 34.54
CA ASN A 307 33.21 4.62 34.76
C ASN A 307 32.43 5.53 33.81
N PRO A 308 31.61 6.45 34.33
CA PRO A 308 30.76 7.27 33.46
C PRO A 308 31.50 8.35 32.68
N ASP A 309 32.76 8.66 33.00
CA ASP A 309 33.53 9.62 32.22
C ASP A 309 34.75 8.97 31.58
N GLY A 310 34.78 7.64 31.53
CA GLY A 310 35.89 6.90 30.94
C GLY A 310 35.87 6.91 29.43
N PHE A 311 36.79 6.12 28.86
CA PHE A 311 36.96 6.09 27.41
C PHE A 311 35.69 5.61 26.71
N ILE A 312 35.09 4.54 27.21
CA ILE A 312 33.90 4.00 26.53
C ILE A 312 32.78 5.01 26.58
N ALA A 313 32.59 5.66 27.72
CA ALA A 313 31.56 6.70 27.82
C ALA A 313 31.90 7.88 26.92
N LYS A 314 33.18 8.27 26.86
CA LYS A 314 33.56 9.39 26.00
C LYS A 314 33.31 9.10 24.53
N PHE A 315 33.48 7.84 24.11
CA PHE A 315 33.20 7.49 22.72
C PHE A 315 31.71 7.32 22.48
N TYR A 316 30.99 6.72 23.44
CA TYR A 316 29.54 6.62 23.32
C TYR A 316 28.92 7.98 23.05
N ASN A 317 29.51 9.05 23.59
CA ASN A 317 29.02 10.40 23.30
C ASN A 317 29.15 10.72 21.82
N ILE A 318 30.26 10.34 21.20
CA ILE A 318 30.42 10.54 19.76
C ILE A 318 29.46 9.64 18.99
N SER A 319 29.30 8.39 19.45
CA SER A 319 28.41 7.46 18.76
C SER A 319 26.98 7.98 18.74
N GLU A 320 26.52 8.54 19.86
CA GLU A 320 25.15 9.06 19.92
C GLU A 320 24.87 10.08 18.82
N THR A 321 25.91 10.75 18.33
CA THR A 321 25.75 11.86 17.39
C THR A 321 26.02 11.49 15.93
N VAL A 322 27.04 10.66 15.68
CA VAL A 322 27.43 10.34 14.31
C VAL A 322 26.84 9.03 13.81
N MET A 323 26.40 8.14 14.70
CA MET A 323 25.93 6.82 14.29
C MET A 323 24.58 6.92 13.57
N PRO A 324 23.64 7.74 14.06
CA PRO A 324 22.37 7.91 13.32
C PRO A 324 22.56 8.30 11.87
N ALA A 325 23.41 9.29 11.60
CA ALA A 325 23.63 9.71 10.21
C ALA A 325 24.30 8.60 9.40
N ILE A 326 25.22 7.86 10.02
CA ILE A 326 25.95 6.83 9.29
C ILE A 326 25.05 5.65 8.97
N THR A 327 24.21 5.25 9.93
CA THR A 327 23.26 4.17 9.66
C THR A 327 22.33 4.56 8.52
N LEU A 328 21.75 5.76 8.58
CA LEU A 328 20.88 6.23 7.51
C LEU A 328 21.60 6.21 6.16
N GLY A 329 22.92 6.45 6.16
CA GLY A 329 23.66 6.38 4.92
C GLY A 329 23.83 4.96 4.41
N PHE A 330 24.34 4.07 5.26
CA PHE A 330 24.64 2.72 4.82
C PHE A 330 23.37 1.90 4.59
N LEU A 331 22.36 2.09 5.43
CA LEU A 331 21.18 1.23 5.41
C LEU A 331 19.94 1.92 4.84
N GLY A 332 20.08 3.11 4.26
CA GLY A 332 18.96 3.84 3.73
C GLY A 332 18.65 3.47 2.29
N THR A 333 17.79 4.28 1.67
CA THR A 333 17.42 4.10 0.29
C THR A 333 17.96 5.20 -0.62
N ASP A 334 18.68 6.18 -0.05
CA ASP A 334 19.29 7.24 -0.84
C ASP A 334 20.59 6.74 -1.44
N GLU A 335 20.70 6.80 -2.77
CA GLU A 335 21.92 6.37 -3.43
C GLU A 335 23.03 7.40 -3.27
N ARG A 336 22.66 8.66 -3.07
CA ARG A 336 23.66 9.70 -2.79
C ARG A 336 24.33 9.46 -1.44
N LEU A 337 23.53 9.33 -0.37
CA LEU A 337 24.10 9.11 0.96
C LEU A 337 24.77 7.75 1.05
N GLY A 338 24.18 6.73 0.43
CA GLY A 338 24.79 5.40 0.47
C GLY A 338 26.14 5.35 -0.23
N GLU A 339 26.27 6.05 -1.36
CA GLU A 339 27.53 6.06 -2.09
C GLU A 339 28.61 6.77 -1.28
N LEU A 340 28.28 7.86 -0.60
CA LEU A 340 29.24 8.50 0.28
C LEU A 340 29.77 7.52 1.33
N CYS A 341 28.86 6.80 1.99
CA CYS A 341 29.27 5.80 2.96
C CYS A 341 30.21 4.75 2.38
N GLN A 342 29.86 4.23 1.19
CA GLN A 342 30.69 3.20 0.59
C GLN A 342 32.08 3.73 0.26
N TYR A 343 32.16 4.94 -0.29
CA TYR A 343 33.46 5.52 -0.59
C TYR A 343 34.25 5.66 0.71
N PHE A 344 33.60 6.13 1.77
CA PHE A 344 34.26 6.20 3.07
C PHE A 344 34.74 4.84 3.51
N LYS A 345 33.85 3.85 3.47
CA LYS A 345 34.21 2.49 3.88
C LYS A 345 35.31 1.91 3.00
N GLU A 346 35.17 2.06 1.68
CA GLU A 346 36.15 1.48 0.77
C GLU A 346 37.56 2.00 0.96
N GLN A 347 37.71 3.30 1.27
CA GLN A 347 39.04 3.86 1.45
C GLN A 347 39.64 3.50 2.80
N VAL A 348 38.79 3.38 3.83
CA VAL A 348 39.30 2.98 5.14
C VAL A 348 39.77 1.53 5.02
N VAL A 349 38.96 0.68 4.39
CA VAL A 349 39.38 -0.71 4.21
C VAL A 349 40.61 -0.78 3.33
N GLN A 350 40.66 0.04 2.27
CA GLN A 350 41.82 0.04 1.39
C GLN A 350 43.06 0.53 2.11
N PHE A 351 42.90 1.42 3.09
CA PHE A 351 44.05 1.84 3.89
C PHE A 351 44.61 0.67 4.69
N VAL A 352 43.73 -0.05 5.39
CA VAL A 352 44.18 -1.22 6.15
C VAL A 352 44.78 -2.27 5.21
N LEU A 353 44.23 -2.39 4.00
CA LEU A 353 44.77 -3.36 3.03
C LEU A 353 46.15 -2.93 2.55
N ASP A 354 46.37 -1.62 2.38
CA ASP A 354 47.63 -1.16 1.80
C ASP A 354 48.78 -1.29 2.79
N VAL A 355 48.55 -0.93 4.06
CA VAL A 355 49.59 -1.02 5.06
C VAL A 355 49.96 -2.46 5.38
N PHE A 356 49.10 -3.42 5.04
CA PHE A 356 49.39 -4.83 5.25
C PHE A 356 49.93 -5.50 3.99
N ASN A 357 50.58 -4.75 3.12
CA ASN A 357 51.18 -5.28 1.90
C ASN A 357 52.62 -4.81 1.81
N THR A 358 53.55 -5.77 1.73
CA THR A 358 54.95 -5.42 1.57
C THR A 358 55.21 -4.77 0.22
N GLN A 359 54.28 -4.94 -0.73
CA GLN A 359 54.40 -4.38 -2.07
C GLN A 359 53.82 -2.97 -2.19
N LYS A 360 53.18 -2.46 -1.13
CA LYS A 360 52.65 -1.10 -1.13
C LYS A 360 53.36 -0.17 -0.15
N VAL A 361 53.78 -0.67 1.01
CA VAL A 361 54.55 0.11 1.96
C VAL A 361 55.93 -0.51 2.09
N CYS A 362 56.80 0.18 2.83
CA CYS A 362 58.20 -0.19 2.95
C CYS A 362 58.39 -0.95 4.26
N TYR A 363 58.57 -2.27 4.16
CA TYR A 363 58.73 -3.15 5.32
C TYR A 363 60.18 -3.36 5.72
N ARG A 364 61.06 -2.38 5.48
CA ARG A 364 62.48 -2.53 5.76
C ARG A 364 62.91 -1.85 7.06
N SER A 365 62.33 -0.70 7.39
CA SER A 365 62.70 -0.01 8.62
C SER A 365 61.48 0.74 9.16
N LEU A 366 61.61 1.18 10.41
CA LEU A 366 60.53 1.92 11.06
C LEU A 366 60.26 3.24 10.37
N GLU A 367 61.32 3.99 10.04
CA GLU A 367 61.14 5.31 9.45
C GLU A 367 60.55 5.22 8.04
N GLU A 368 60.98 4.23 7.26
CA GLU A 368 60.42 4.08 5.92
C GLU A 368 58.95 3.70 6.00
N MET A 369 58.61 2.74 6.86
CA MET A 369 57.22 2.33 7.00
C MET A 369 56.39 3.41 7.68
N SER A 370 56.98 4.13 8.63
CA SER A 370 56.26 5.24 9.26
C SER A 370 55.90 6.31 8.23
N GLU A 371 56.84 6.63 7.33
CA GLU A 371 56.54 7.57 6.26
C GLU A 371 55.45 7.03 5.35
N ASP A 372 55.52 5.75 4.98
CA ASP A 372 54.58 5.18 4.03
C ASP A 372 53.18 5.07 4.62
N VAL A 373 53.07 4.56 5.85
CA VAL A 373 51.74 4.40 6.44
C VAL A 373 51.08 5.74 6.68
N TRP A 374 51.87 6.78 6.98
CA TRP A 374 51.29 8.11 7.16
C TRP A 374 50.81 8.67 5.83
N ILE A 375 51.56 8.41 4.76
CA ILE A 375 51.17 8.89 3.44
C ILE A 375 49.85 8.25 3.02
N VAL A 376 49.74 6.94 3.19
CA VAL A 376 48.51 6.24 2.80
C VAL A 376 47.34 6.72 3.66
N MET A 377 47.56 6.84 4.98
CA MET A 377 46.50 7.33 5.85
C MET A 377 46.10 8.75 5.49
N ARG A 378 47.08 9.65 5.38
CA ARG A 378 46.78 11.05 5.12
C ARG A 378 45.99 11.25 3.83
N ASN A 379 46.35 10.53 2.77
CA ASN A 379 45.73 10.78 1.47
C ASN A 379 44.37 10.10 1.33
N ARG A 380 44.22 8.90 1.88
CA ARG A 380 42.91 8.25 1.84
C ARG A 380 41.86 9.10 2.56
N LEU A 381 42.20 9.57 3.77
CA LEU A 381 41.26 10.40 4.52
C LEU A 381 40.92 11.69 3.78
N GLU A 382 41.91 12.29 3.12
CA GLU A 382 41.63 13.52 2.37
C GLU A 382 40.65 13.26 1.24
N ALA A 383 40.87 12.18 0.49
CA ALA A 383 39.97 11.87 -0.62
C ALA A 383 38.54 11.70 -0.14
N VAL A 384 38.35 11.16 1.07
CA VAL A 384 37.01 11.02 1.61
C VAL A 384 36.45 12.37 2.02
N GLN A 385 37.23 13.15 2.78
CA GLN A 385 36.79 14.49 3.17
C GLN A 385 36.46 15.34 1.97
N THR A 386 37.18 15.14 0.84
CA THR A 386 36.88 15.88 -0.38
C THR A 386 35.54 15.38 -0.90
N ARG A 387 35.38 14.05 -1.00
CA ARG A 387 34.12 13.50 -1.47
C ARG A 387 32.92 14.04 -0.67
N MET A 388 33.15 14.28 0.63
CA MET A 388 32.10 14.85 1.47
C MET A 388 31.95 16.35 1.36
N SER A 389 33.07 17.08 1.28
CA SER A 389 33.03 18.54 1.31
C SER A 389 32.36 19.15 0.07
N ASN A 390 32.59 18.56 -1.09
CA ASN A 390 32.16 19.15 -2.36
C ASN A 390 30.65 19.27 -2.61
N GLU A 391 29.83 18.43 -2.00
CA GLU A 391 28.39 18.47 -2.29
C GLU A 391 27.71 19.66 -1.64
N PRO B 5 -0.82 -36.66 -7.40
CA PRO B 5 -0.53 -37.24 -8.70
C PRO B 5 0.07 -36.19 -9.65
N ILE B 6 -0.66 -35.83 -10.71
CA ILE B 6 -0.18 -34.76 -11.63
C ILE B 6 0.15 -33.53 -10.79
N GLU B 7 -0.64 -33.28 -9.75
CA GLU B 7 -0.37 -32.13 -8.85
C GLU B 7 1.04 -32.28 -8.27
N ALA B 8 1.38 -33.49 -7.81
CA ALA B 8 2.74 -33.73 -7.27
C ALA B 8 3.76 -33.48 -8.38
N ASP B 9 3.44 -33.88 -9.61
CA ASP B 9 4.38 -33.73 -10.75
C ASP B 9 4.67 -32.25 -10.96
N ILE B 10 3.63 -31.41 -11.02
CA ILE B 10 3.83 -29.95 -11.25
C ILE B 10 4.58 -29.38 -10.05
N THR B 11 4.28 -29.89 -8.85
CA THR B 11 5.00 -29.43 -7.63
C THR B 11 6.49 -29.73 -7.81
N SER B 12 6.81 -30.90 -8.37
CA SER B 12 8.23 -31.26 -8.61
C SER B 12 8.84 -30.23 -9.54
N GLY B 13 8.15 -29.91 -10.63
CA GLY B 13 8.66 -28.89 -11.56
C GLY B 13 8.86 -27.57 -10.86
N GLN B 14 7.93 -27.21 -9.97
CA GLN B 14 8.04 -25.93 -9.21
C GLN B 14 9.38 -25.92 -8.47
N GLU B 15 9.69 -27.01 -7.77
CA GLU B 15 10.96 -27.09 -7.01
C GLU B 15 12.13 -26.93 -7.97
N LEU B 16 12.10 -27.65 -9.10
CA LEU B 16 13.23 -27.59 -10.08
C LEU B 16 13.41 -26.15 -10.54
N CYS B 17 12.31 -25.49 -10.93
CA CYS B 17 12.39 -24.10 -11.44
C CYS B 17 12.96 -23.20 -10.34
N THR B 18 12.49 -23.38 -9.11
CA THR B 18 12.96 -22.55 -7.98
C THR B 18 14.48 -22.70 -7.86
N GLU B 19 14.97 -23.94 -7.86
CA GLU B 19 16.43 -24.19 -7.74
C GLU B 19 17.15 -23.56 -8.93
N LEU B 20 16.63 -23.76 -10.14
CA LEU B 20 17.27 -23.22 -11.35
C LEU B 20 17.28 -21.69 -11.19
N ARG B 21 16.17 -21.13 -10.72
CA ARG B 21 16.06 -19.65 -10.56
C ARG B 21 17.23 -19.18 -9.68
N LYS B 22 17.37 -19.79 -8.50
CA LYS B 22 18.47 -19.40 -7.58
C LYS B 22 19.84 -19.59 -8.23
N THR B 23 20.03 -20.68 -8.95
CA THR B 23 21.31 -20.94 -9.66
C THR B 23 21.55 -19.81 -10.67
N ILE B 24 20.51 -19.46 -11.44
CA ILE B 24 20.65 -18.38 -12.45
C ILE B 24 21.01 -17.08 -11.73
N GLU B 25 20.37 -16.81 -10.59
CA GLU B 25 20.68 -15.60 -9.81
C GLU B 25 22.18 -15.60 -9.48
N LYS B 26 22.70 -16.75 -9.04
CA LYS B 26 24.14 -16.86 -8.75
C LYS B 26 24.94 -16.51 -10.00
N SER B 39 32.39 -5.72 -23.33
CA SER B 39 30.98 -5.60 -23.79
C SER B 39 30.33 -6.99 -23.74
N LYS B 40 31.08 -8.03 -24.14
CA LYS B 40 30.55 -9.41 -24.09
C LYS B 40 30.14 -9.73 -22.65
N ASP B 41 30.98 -9.35 -21.68
CA ASP B 41 30.68 -9.65 -20.26
C ASP B 41 29.35 -8.98 -19.88
N MET B 42 29.19 -7.70 -20.22
CA MET B 42 27.93 -6.98 -19.93
C MET B 42 26.80 -7.63 -20.72
N GLU B 43 27.06 -7.98 -21.99
CA GLU B 43 26.03 -8.61 -22.85
C GLU B 43 25.55 -9.90 -22.16
N ARG B 44 26.48 -10.71 -21.68
CA ARG B 44 26.11 -12.00 -21.02
C ARG B 44 25.25 -11.69 -19.78
N SER B 45 25.67 -10.69 -19.00
CA SER B 45 24.91 -10.32 -17.78
C SER B 45 23.46 -9.97 -18.18
N ILE B 46 23.30 -9.16 -19.23
CA ILE B 46 21.95 -8.79 -19.71
C ILE B 46 21.21 -10.06 -20.12
N LYS B 47 21.87 -10.93 -20.91
CA LYS B 47 21.21 -12.16 -21.40
C LYS B 47 20.74 -13.02 -20.23
N ILE B 48 21.64 -13.28 -19.27
CA ILE B 48 21.27 -14.16 -18.13
C ILE B 48 20.17 -13.49 -17.33
N GLU B 49 20.23 -12.17 -17.19
CA GLU B 49 19.18 -11.42 -16.46
C GLU B 49 17.84 -11.66 -17.17
N GLY B 50 17.84 -11.59 -18.50
CA GLY B 50 16.59 -11.86 -19.25
C GLY B 50 16.13 -13.28 -18.98
N ILE B 51 17.05 -14.24 -19.02
CA ILE B 51 16.69 -15.65 -18.73
C ILE B 51 16.05 -15.70 -17.34
N LEU B 52 16.67 -15.04 -16.35
CA LEU B 52 16.15 -15.07 -14.96
C LEU B 52 14.77 -14.41 -15.01
N LYS B 53 14.64 -13.29 -15.72
CA LYS B 53 13.34 -12.57 -15.78
C LYS B 53 12.26 -13.56 -16.23
N GLY B 54 12.46 -14.17 -17.40
CA GLY B 54 11.48 -15.15 -17.92
C GLY B 54 11.27 -16.37 -17.04
N LEU B 55 12.35 -16.89 -16.45
CA LEU B 55 12.25 -18.09 -15.59
C LEU B 55 11.28 -17.80 -14.44
N LYS B 56 11.41 -16.62 -13.84
CA LYS B 56 10.52 -16.23 -12.70
C LYS B 56 9.08 -16.20 -13.19
N GLN B 57 8.85 -15.64 -14.38
CA GLN B 57 7.48 -15.58 -14.94
C GLN B 57 6.79 -16.93 -14.91
N VAL B 58 7.36 -17.93 -15.59
CA VAL B 58 6.78 -19.30 -15.58
C VAL B 58 6.77 -19.89 -14.16
N GLU B 59 7.78 -19.51 -13.36
CA GLU B 59 7.89 -20.03 -11.97
C GLU B 59 6.57 -19.61 -11.32
N ASP B 60 6.24 -18.32 -11.42
CA ASP B 60 5.00 -17.80 -10.76
C ASP B 60 3.80 -18.54 -11.34
N GLU B 61 3.79 -18.73 -12.67
CA GLU B 61 2.67 -19.46 -13.32
C GLU B 61 2.55 -20.84 -12.71
N ILE B 62 3.69 -21.54 -12.56
CA ILE B 62 3.68 -22.92 -12.00
C ILE B 62 3.09 -22.85 -10.59
N VAL B 63 3.48 -21.85 -9.81
CA VAL B 63 2.99 -21.72 -8.41
C VAL B 63 1.47 -21.64 -8.44
N LEU B 64 0.93 -20.80 -9.33
CA LEU B 64 -0.54 -20.65 -9.44
C LEU B 64 -1.14 -22.00 -9.81
N LEU B 65 -0.51 -22.72 -10.74
CA LEU B 65 -1.03 -24.04 -11.18
C LEU B 65 -0.93 -25.04 -10.02
N GLU B 135 -16.29 -42.27 34.99
CA GLU B 135 -15.04 -41.60 35.44
C GLU B 135 -14.21 -41.21 34.22
N LEU B 136 -13.94 -39.91 34.04
CA LEU B 136 -13.10 -39.44 32.90
C LEU B 136 -13.65 -40.01 31.58
N ARG B 137 -14.97 -39.97 31.41
CA ARG B 137 -15.61 -40.50 30.18
C ARG B 137 -15.10 -39.71 28.98
N PHE B 138 -15.20 -38.37 29.05
CA PHE B 138 -14.75 -37.51 27.92
C PHE B 138 -13.27 -37.76 27.68
N LEU B 139 -12.50 -37.90 28.76
CA LEU B 139 -11.05 -38.19 28.63
C LEU B 139 -10.88 -39.40 27.72
N ASP B 140 -11.53 -40.51 28.04
CA ASP B 140 -11.40 -41.72 27.22
C ASP B 140 -11.49 -41.38 25.74
N GLU B 141 -12.43 -40.52 25.37
CA GLU B 141 -12.53 -40.08 23.98
C GLU B 141 -11.18 -39.61 23.46
N GLY B 142 -10.55 -38.70 24.20
CA GLY B 142 -9.21 -38.23 23.81
C GLY B 142 -8.13 -39.24 24.17
N MET B 143 -8.41 -40.12 25.13
CA MET B 143 -7.39 -41.09 25.59
C MET B 143 -7.10 -42.08 24.46
N GLN B 144 -5.81 -42.25 24.13
CA GLN B 144 -5.42 -43.23 23.06
C GLN B 144 -5.97 -42.76 21.72
N ALA B 145 -6.63 -41.60 21.68
CA ALA B 145 -7.12 -41.04 20.40
C ALA B 145 -5.92 -40.82 19.48
N ALA B 146 -4.76 -40.49 20.06
CA ALA B 146 -3.53 -40.31 19.26
C ALA B 146 -3.20 -41.63 18.55
N LEU B 147 -3.41 -42.76 19.25
CA LEU B 147 -3.14 -44.09 18.67
C LEU B 147 -4.03 -44.30 17.45
N VAL B 151 -3.20 -37.35 18.01
CA VAL B 151 -3.76 -35.96 18.00
C VAL B 151 -2.69 -35.00 17.45
N LYS B 152 -2.70 -34.78 16.14
CA LYS B 152 -1.67 -33.89 15.51
C LYS B 152 -1.80 -32.49 16.12
N TYR B 153 -0.66 -31.89 16.48
CA TYR B 153 -0.66 -30.54 17.10
C TYR B 153 0.59 -29.78 16.66
N ARG B 154 0.73 -28.52 17.07
CA ARG B 154 1.90 -27.69 16.65
C ARG B 154 2.99 -27.75 17.71
N LYS B 155 2.74 -27.18 18.88
CA LYS B 155 3.78 -27.11 19.94
C LYS B 155 3.38 -27.98 21.13
N SER B 156 4.34 -28.72 21.71
CA SER B 156 4.05 -29.53 22.92
C SER B 156 4.18 -28.64 24.16
N ARG B 157 3.04 -28.15 24.68
CA ARG B 157 3.05 -27.27 25.87
C ARG B 157 2.79 -28.12 27.12
N MET B 158 3.21 -29.39 27.08
CA MET B 158 2.94 -30.32 28.21
C MET B 158 3.24 -29.59 29.53
N GLU B 159 4.43 -28.99 29.63
CA GLU B 159 4.80 -28.25 30.86
C GLU B 159 3.91 -27.02 30.98
N PHE B 160 3.67 -26.32 29.86
CA PHE B 160 2.86 -25.08 29.90
C PHE B 160 1.56 -25.34 30.66
N CYS B 161 0.97 -26.53 30.53
CA CYS B 161 -0.22 -26.83 31.32
C CYS B 161 0.02 -27.87 32.42
N LYS B 162 1.26 -28.30 32.63
CA LYS B 162 1.67 -29.04 33.82
C LYS B 162 0.82 -30.30 34.08
N CYS B 163 0.70 -31.15 33.07
CA CYS B 163 -0.01 -32.42 33.17
C CYS B 163 0.99 -33.58 33.24
N ASP B 164 0.46 -34.81 33.22
CA ASP B 164 1.29 -35.98 33.50
C ASP B 164 2.31 -36.24 32.40
N SER B 165 1.87 -36.31 31.14
CA SER B 165 2.80 -36.70 30.08
C SER B 165 2.35 -36.13 28.75
N GLU B 166 3.21 -36.31 27.74
CA GLU B 166 2.90 -35.88 26.38
C GLU B 166 1.59 -36.49 25.90
N THR B 167 1.38 -37.78 26.19
CA THR B 167 0.13 -38.43 25.79
C THR B 167 -1.05 -37.84 26.53
N ASP B 168 -0.84 -37.43 27.79
CA ASP B 168 -1.91 -36.82 28.57
C ASP B 168 -2.16 -35.50 27.85
N PHE B 169 -1.11 -34.88 27.31
CA PHE B 169 -1.32 -33.72 26.45
C PHE B 169 -2.34 -33.94 25.32
N ALA B 170 -1.96 -34.81 24.38
CA ALA B 170 -2.87 -35.18 23.30
C ALA B 170 -4.33 -35.49 23.62
N ALA B 171 -4.58 -36.14 24.76
CA ALA B 171 -5.94 -36.39 25.19
C ALA B 171 -6.61 -35.10 25.65
N LYS B 172 -6.02 -34.42 26.65
CA LYS B 172 -6.61 -33.20 27.16
C LYS B 172 -6.77 -32.16 26.06
N LEU B 173 -5.80 -32.09 25.14
CA LEU B 173 -5.91 -31.15 24.03
C LEU B 173 -6.99 -31.54 23.03
N TYR B 174 -6.94 -32.77 22.51
CA TYR B 174 -8.00 -33.28 21.65
C TYR B 174 -9.34 -33.04 22.31
N CYS B 175 -9.37 -33.21 23.62
CA CYS B 175 -10.58 -32.98 24.37
C CYS B 175 -10.95 -31.50 24.41
N VAL B 176 -9.98 -30.61 24.64
CA VAL B 176 -10.29 -29.17 24.71
C VAL B 176 -10.74 -28.65 23.36
N ARG B 177 -10.12 -29.16 22.28
CA ARG B 177 -10.49 -28.73 20.94
C ARG B 177 -11.99 -28.92 20.68
N GLN B 178 -12.50 -30.11 20.99
CA GLN B 178 -13.91 -30.40 20.74
C GLN B 178 -14.81 -29.45 21.54
N ALA B 179 -14.51 -29.26 22.82
CA ALA B 179 -15.36 -28.42 23.66
C ALA B 179 -15.45 -27.00 23.13
N LEU B 180 -14.31 -26.42 22.73
CA LEU B 180 -14.31 -25.06 22.21
C LEU B 180 -15.13 -24.96 20.93
N THR B 181 -14.82 -25.80 19.94
CA THR B 181 -15.55 -25.76 18.68
C THR B 181 -17.03 -26.05 18.88
N ASN B 182 -17.35 -26.95 19.81
CA ASN B 182 -18.75 -27.26 20.08
C ASN B 182 -19.46 -26.06 20.69
N ALA B 183 -18.88 -25.46 21.72
CA ALA B 183 -19.47 -24.28 22.33
C ALA B 183 -19.52 -23.12 21.35
N LEU B 184 -18.53 -23.02 20.45
CA LEU B 184 -18.50 -21.98 19.44
C LEU B 184 -19.45 -22.23 18.29
N LYS B 185 -20.18 -23.35 18.29
CA LYS B 185 -21.29 -23.49 17.36
C LYS B 185 -22.42 -22.52 17.69
N ASP B 186 -22.55 -22.14 18.96
CA ASP B 186 -23.52 -21.14 19.35
C ASP B 186 -23.14 -19.76 18.81
N GLU B 187 -24.03 -19.16 18.00
CA GLU B 187 -23.74 -17.84 17.46
C GLU B 187 -23.75 -16.77 18.54
N HIS B 188 -24.59 -16.93 19.56
CA HIS B 188 -24.57 -15.97 20.67
C HIS B 188 -23.25 -15.90 21.41
N LYS B 189 -22.60 -17.05 21.62
CA LYS B 189 -21.30 -17.07 22.28
C LYS B 189 -20.21 -16.52 21.37
N ARG B 190 -20.26 -16.86 20.08
CA ARG B 190 -19.33 -16.27 19.13
C ARG B 190 -19.43 -14.75 19.12
N VAL B 191 -20.67 -14.24 19.09
CA VAL B 191 -20.88 -12.80 19.06
C VAL B 191 -20.40 -12.15 20.35
N TRP B 192 -20.72 -12.75 21.50
CA TRP B 192 -20.29 -12.17 22.77
C TRP B 192 -18.78 -12.13 22.88
N LEU B 193 -18.12 -13.25 22.56
CA LEU B 193 -16.67 -13.30 22.72
C LEU B 193 -15.99 -12.32 21.77
N ALA B 194 -16.45 -12.25 20.53
CA ALA B 194 -15.93 -11.25 19.60
C ALA B 194 -16.14 -9.85 20.15
N LYS B 195 -17.36 -9.56 20.63
CA LYS B 195 -17.64 -8.25 21.20
C LYS B 195 -16.73 -7.99 22.40
N CYS B 196 -16.45 -9.01 23.19
CA CYS B 196 -15.60 -8.83 24.38
C CYS B 196 -14.15 -8.57 23.98
N GLY B 197 -13.61 -9.40 23.09
CA GLY B 197 -12.25 -9.18 22.62
C GLY B 197 -12.05 -7.85 21.93
N ARG B 198 -13.07 -7.38 21.21
CA ARG B 198 -12.98 -6.08 20.55
C ARG B 198 -12.81 -4.96 21.56
N THR B 199 -13.75 -4.84 22.49
CA THR B 199 -13.69 -3.75 23.47
C THR B 199 -12.45 -3.89 24.36
N LEU B 200 -11.96 -5.12 24.53
CA LEU B 200 -10.78 -5.32 25.38
C LEU B 200 -9.56 -4.66 24.74
N LEU B 201 -9.23 -5.07 23.52
CA LEU B 201 -8.09 -4.47 22.84
C LEU B 201 -8.25 -2.97 22.61
N ALA B 202 -9.48 -2.53 22.34
CA ALA B 202 -9.71 -1.09 22.21
C ALA B 202 -9.38 -0.32 23.47
N ASP B 203 -9.85 -0.82 24.61
CA ASP B 203 -9.45 -0.24 25.89
C ASP B 203 -7.93 -0.24 26.02
N PHE B 204 -7.28 -1.26 25.46
CA PHE B 204 -5.84 -1.33 25.47
C PHE B 204 -5.22 -0.18 24.69
N ILE B 205 -5.63 -0.02 23.42
CA ILE B 205 -5.13 1.09 22.61
C ILE B 205 -5.50 2.42 23.24
N ARG B 206 -6.65 2.48 23.91
CA ARG B 206 -7.04 3.69 24.60
C ARG B 206 -6.07 4.04 25.72
N HIS B 207 -5.61 3.03 26.48
CA HIS B 207 -4.74 3.30 27.62
C HIS B 207 -3.45 4.00 27.20
N THR B 208 -3.02 3.84 25.95
CA THR B 208 -1.90 4.58 25.41
C THR B 208 -2.31 5.94 24.86
N LYS B 209 -3.47 6.45 25.27
CA LYS B 209 -3.95 7.74 24.80
C LYS B 209 -3.99 7.80 23.28
N GLN B 210 -4.39 6.69 22.66
CA GLN B 210 -4.44 6.57 21.22
C GLN B 210 -5.88 6.32 20.78
N ASP B 211 -6.09 6.37 19.46
CA ASP B 211 -7.41 6.15 18.91
C ASP B 211 -7.46 4.80 18.21
N PRO B 212 -8.42 3.94 18.56
CA PRO B 212 -8.43 2.58 18.01
C PRO B 212 -9.22 2.42 16.73
N VAL B 213 -9.36 3.51 15.96
CA VAL B 213 -10.18 3.45 14.74
C VAL B 213 -9.59 2.46 13.75
N LYS B 214 -8.28 2.56 13.49
CA LYS B 214 -7.66 1.65 12.52
C LYS B 214 -7.76 0.20 12.98
N PHE B 215 -7.62 -0.03 14.28
CA PHE B 215 -7.79 -1.38 14.81
C PHE B 215 -9.21 -1.90 14.57
N PHE B 216 -10.20 -1.05 14.82
CA PHE B 216 -11.60 -1.45 14.58
C PHE B 216 -11.83 -1.92 13.15
N ASN B 217 -11.26 -1.20 12.17
CA ASN B 217 -11.39 -1.62 10.79
C ASN B 217 -10.68 -2.96 10.54
N ALA B 218 -9.48 -3.11 11.10
CA ALA B 218 -8.74 -4.35 10.92
C ALA B 218 -9.45 -5.50 11.63
N TYR B 219 -9.97 -5.24 12.83
CA TYR B 219 -10.70 -6.28 13.56
C TYR B 219 -11.91 -6.76 12.79
N ASP B 220 -12.71 -5.82 12.27
CA ASP B 220 -13.92 -6.18 11.55
C ASP B 220 -13.60 -6.87 10.22
N GLU B 221 -12.60 -6.36 9.50
CA GLU B 221 -12.24 -6.95 8.22
C GLU B 221 -11.98 -8.45 8.33
N MET B 222 -11.30 -8.88 9.39
CA MET B 222 -11.10 -10.32 9.58
C MET B 222 -12.35 -11.02 10.09
N LEU B 223 -13.16 -10.34 10.90
CA LEU B 223 -14.40 -10.97 11.36
C LEU B 223 -15.29 -11.28 10.18
N GLU B 224 -15.36 -10.37 9.20
CA GLU B 224 -16.06 -10.69 7.96
C GLU B 224 -15.37 -11.84 7.24
N TYR B 225 -14.04 -11.90 7.34
CA TYR B 225 -13.28 -12.95 6.66
C TYR B 225 -13.62 -14.33 7.21
N VAL B 226 -13.59 -14.47 8.54
CA VAL B 226 -13.83 -15.78 9.14
C VAL B 226 -15.31 -16.15 9.08
N SER B 227 -16.19 -15.16 9.15
CA SER B 227 -17.63 -15.45 9.06
C SER B 227 -18.01 -15.99 7.68
N ASN B 228 -17.35 -15.51 6.63
CA ASN B 228 -17.62 -15.97 5.27
C ASN B 228 -16.98 -17.33 5.05
N ASP B 229 -17.81 -18.35 4.87
CA ASP B 229 -17.31 -19.71 4.72
C ASP B 229 -16.59 -19.92 3.39
N ARG B 230 -16.78 -19.02 2.43
CA ARG B 230 -16.08 -19.13 1.17
C ARG B 230 -14.57 -18.93 1.32
N ASN B 231 -14.15 -18.28 2.40
CA ASN B 231 -12.74 -18.09 2.71
C ASN B 231 -12.17 -19.22 3.55
N GLU B 232 -12.92 -20.31 3.73
CA GLU B 232 -12.50 -21.38 4.62
C GLU B 232 -11.23 -22.07 4.10
N GLU B 233 -11.23 -22.46 2.84
CA GLU B 233 -10.06 -23.11 2.27
C GLU B 233 -8.81 -22.23 2.38
N GLN B 234 -8.94 -20.96 1.99
CA GLN B 234 -7.80 -20.05 2.09
C GLN B 234 -7.30 -19.96 3.53
N LEU B 235 -8.21 -19.87 4.49
CA LEU B 235 -7.80 -19.82 5.89
C LEU B 235 -7.00 -21.06 6.27
N ARG B 236 -7.35 -22.22 5.71
CA ARG B 236 -6.57 -23.42 5.97
C ARG B 236 -5.19 -23.32 5.35
N GLN B 237 -5.13 -23.06 4.04
CA GLN B 237 -3.85 -23.02 3.33
C GLN B 237 -2.85 -22.10 4.01
N ASP B 238 -3.31 -21.00 4.58
CA ASP B 238 -2.43 -20.09 5.30
C ASP B 238 -1.93 -20.75 6.58
N VAL B 239 -2.83 -21.00 7.52
CA VAL B 239 -2.41 -21.59 8.80
C VAL B 239 -1.82 -22.98 8.56
N GLU B 240 -2.35 -23.72 7.59
CA GLU B 240 -1.76 -25.01 7.25
C GLU B 240 -0.32 -24.84 6.80
N GLY B 241 -0.02 -23.74 6.11
CA GLY B 241 1.33 -23.46 5.66
C GLY B 241 2.29 -23.08 6.78
N ARG B 242 1.78 -22.56 7.89
CA ARG B 242 2.61 -22.24 9.04
C ARG B 242 2.67 -23.36 10.07
N GLY B 243 2.29 -24.57 9.69
CA GLY B 243 2.43 -25.73 10.56
C GLY B 243 1.29 -25.99 11.51
N VAL B 244 0.19 -25.25 11.40
CA VAL B 244 -0.97 -25.48 12.27
C VAL B 244 -1.70 -26.73 11.79
N CYS B 245 -2.19 -27.52 12.74
CA CYS B 245 -2.80 -28.82 12.43
C CYS B 245 -4.31 -28.68 12.25
N GLU B 246 -5.02 -28.25 13.29
CA GLU B 246 -6.45 -28.05 13.24
C GLU B 246 -6.85 -26.59 13.05
N THR B 247 -8.07 -26.38 12.55
CA THR B 247 -8.60 -25.05 12.29
C THR B 247 -9.56 -24.50 13.35
N GLY B 248 -9.67 -25.21 14.48
CA GLY B 248 -10.46 -24.74 15.60
C GLY B 248 -10.03 -23.43 16.21
N PHE B 249 -10.78 -23.00 17.23
CA PHE B 249 -10.45 -21.76 17.92
C PHE B 249 -9.12 -21.87 18.63
N TYR B 250 -8.94 -22.94 19.41
CA TYR B 250 -7.72 -23.06 20.22
C TYR B 250 -6.49 -23.11 19.34
N ASP B 251 -6.53 -23.88 18.25
CA ASP B 251 -5.34 -24.09 17.44
C ASP B 251 -4.89 -22.81 16.74
N VAL B 252 -5.83 -22.03 16.22
CA VAL B 252 -5.46 -20.84 15.44
C VAL B 252 -5.38 -19.60 16.31
N ALA B 253 -6.31 -19.43 17.25
CA ALA B 253 -6.34 -18.22 18.06
C ALA B 253 -5.40 -18.29 19.25
N ILE B 254 -5.56 -19.31 20.09
CA ILE B 254 -4.78 -19.40 21.32
C ILE B 254 -3.37 -19.91 21.05
N ASP B 255 -3.27 -21.09 20.45
CA ASP B 255 -1.95 -21.72 20.26
C ASP B 255 -1.12 -20.92 19.27
N PHE B 256 -1.72 -20.48 18.17
CA PHE B 256 -0.97 -19.92 17.06
C PHE B 256 -0.68 -18.44 17.21
N ILE B 257 -1.60 -17.68 17.79
CA ILE B 257 -1.49 -16.22 17.81
C ILE B 257 -1.19 -15.73 19.21
N ILE B 258 -2.14 -15.90 20.14
CA ILE B 258 -1.99 -15.32 21.48
C ILE B 258 -0.74 -15.86 22.16
N LEU B 259 -0.70 -17.18 22.39
CA LEU B 259 0.44 -17.73 23.11
C LEU B 259 1.77 -17.50 22.42
N ASP B 260 1.79 -17.48 21.08
CA ASP B 260 2.99 -17.06 20.38
C ASP B 260 3.33 -15.61 20.69
N ALA B 261 2.31 -14.78 20.86
CA ALA B 261 2.54 -13.37 21.16
C ALA B 261 3.13 -13.17 22.55
N PHE B 262 2.62 -13.89 23.54
CA PHE B 262 3.18 -13.81 24.88
C PHE B 262 4.65 -14.23 24.90
N GLU B 263 5.03 -15.15 24.01
CA GLU B 263 6.42 -15.62 23.95
C GLU B 263 7.32 -14.61 23.25
N ASP B 264 6.89 -14.08 22.11
CA ASP B 264 7.72 -13.13 21.38
C ASP B 264 7.94 -11.85 22.18
N LEU B 265 6.98 -11.47 23.02
CA LEU B 265 7.16 -10.31 23.88
C LEU B 265 8.15 -10.55 25.01
N LYS B 266 8.54 -11.81 25.24
CA LYS B 266 9.54 -12.12 26.25
C LYS B 266 10.95 -12.12 25.70
N SER B 267 11.11 -12.18 24.37
CA SER B 267 12.40 -12.16 23.72
C SER B 267 12.38 -11.10 22.63
N PRO B 268 12.30 -9.82 23.02
CA PRO B 268 12.25 -8.75 22.02
C PRO B 268 13.63 -8.39 21.52
N PRO B 269 13.73 -7.84 20.31
CA PRO B 269 15.04 -7.39 19.83
C PRO B 269 15.66 -6.39 20.79
N SER B 270 17.00 -6.40 20.84
CA SER B 270 17.72 -5.50 21.73
C SER B 270 17.33 -4.05 21.49
N ALA B 271 16.99 -3.70 20.25
CA ALA B 271 16.67 -2.31 19.93
C ALA B 271 15.33 -1.90 20.52
N VAL B 272 14.27 -2.66 20.21
CA VAL B 272 12.92 -2.28 20.63
C VAL B 272 12.82 -2.23 22.15
N TYR B 273 13.54 -3.11 22.85
CA TYR B 273 13.44 -3.15 24.30
C TYR B 273 14.09 -1.92 24.93
N SER B 274 15.24 -1.51 24.42
CA SER B 274 15.91 -0.33 24.96
C SER B 274 15.08 0.93 24.76
N VAL B 275 14.26 0.98 23.71
CA VAL B 275 13.44 2.16 23.45
C VAL B 275 12.25 2.19 24.39
N THR B 276 11.56 1.06 24.55
CA THR B 276 10.39 1.04 25.42
C THR B 276 10.78 1.36 26.85
N LYS B 277 11.87 0.78 27.34
CA LYS B 277 12.30 0.94 28.72
C LYS B 277 13.17 2.17 28.90
N ASN B 278 13.10 3.14 28.00
CA ASN B 278 13.86 4.38 28.12
C ASN B 278 13.10 5.30 29.07
N TYR B 279 13.58 5.41 30.30
CA TYR B 279 12.92 6.25 31.29
C TYR B 279 13.03 7.72 30.98
N PHE B 280 13.63 8.12 29.86
CA PHE B 280 13.75 9.52 29.48
C PHE B 280 12.86 9.90 28.33
N MET B 281 12.02 8.98 27.85
CA MET B 281 11.06 9.25 26.79
C MET B 281 9.64 9.29 27.33
N SER B 282 8.82 10.16 26.73
CA SER B 282 7.41 10.24 27.10
C SER B 282 6.66 9.02 26.56
N MET B 283 5.40 8.89 27.01
CA MET B 283 4.53 7.87 26.45
C MET B 283 4.36 8.05 24.95
N SER B 284 4.21 9.30 24.50
CA SER B 284 4.03 9.56 23.08
C SER B 284 5.26 9.13 22.27
N MET B 285 6.45 9.49 22.74
CA MET B 285 7.66 9.15 22.00
C MET B 285 7.81 7.65 21.83
N LYS B 286 7.54 6.88 22.88
CA LYS B 286 7.69 5.43 22.80
C LYS B 286 6.72 4.83 21.80
N TYR B 287 5.43 5.15 21.92
CA TYR B 287 4.43 4.56 21.03
C TYR B 287 4.71 4.91 19.58
N SER B 288 5.05 6.17 19.31
CA SER B 288 5.31 6.59 17.93
C SER B 288 6.48 5.82 17.34
N THR B 289 7.57 5.70 18.09
CA THR B 289 8.71 4.92 17.62
C THR B 289 8.33 3.46 17.41
N LEU B 290 7.56 2.89 18.34
CA LEU B 290 7.17 1.49 18.23
C LEU B 290 6.30 1.26 16.99
N ASN B 291 5.36 2.17 16.74
CA ASN B 291 4.48 2.00 15.58
C ASN B 291 5.28 2.03 14.28
N THR B 292 6.25 2.95 14.17
CA THR B 292 7.08 3.00 12.98
C THR B 292 7.81 1.69 12.75
N ILE B 293 8.41 1.14 13.81
CA ILE B 293 9.14 -0.12 13.68
C ILE B 293 8.17 -1.25 13.32
N ILE B 294 7.08 -1.37 14.08
CA ILE B 294 6.15 -2.48 13.87
C ILE B 294 5.52 -2.38 12.48
N TRP B 295 5.10 -1.18 12.08
CA TRP B 295 4.53 -1.01 10.75
C TRP B 295 5.52 -1.43 9.67
N SER B 296 6.80 -1.06 9.83
CA SER B 296 7.79 -1.35 8.81
C SER B 296 8.18 -2.82 8.81
N ILE B 297 8.17 -3.47 9.97
CA ILE B 297 8.48 -4.90 10.00
C ILE B 297 7.37 -5.69 9.33
N ILE B 298 6.11 -5.33 9.60
CA ILE B 298 4.98 -6.04 9.00
C ILE B 298 4.95 -5.80 7.50
N LYS B 299 5.34 -4.61 7.04
CA LYS B 299 5.54 -4.39 5.62
C LYS B 299 6.60 -5.34 5.07
N SER B 300 7.69 -5.53 5.81
CA SER B 300 8.74 -6.43 5.37
C SER B 300 8.27 -7.88 5.39
N LYS B 301 7.44 -8.24 6.37
CA LYS B 301 6.88 -9.60 6.41
C LYS B 301 5.75 -9.75 5.41
N ARG B 302 4.92 -8.71 5.25
CA ARG B 302 3.77 -8.79 4.35
C ARG B 302 4.19 -8.98 2.91
N GLN B 303 5.40 -8.52 2.54
CA GLN B 303 5.87 -8.69 1.17
C GLN B 303 6.00 -10.17 0.81
N ARG B 304 6.29 -11.01 1.80
CA ARG B 304 6.55 -12.42 1.58
C ARG B 304 5.29 -13.25 1.46
N LEU B 305 4.12 -12.68 1.74
CA LEU B 305 2.88 -13.45 1.73
C LEU B 305 2.51 -13.88 0.31
N LYS B 306 1.88 -15.06 0.22
CA LYS B 306 1.38 -15.56 -1.05
C LYS B 306 0.02 -14.98 -1.42
N ASN B 307 -0.69 -14.39 -0.46
CA ASN B 307 -2.00 -13.82 -0.72
C ASN B 307 -2.16 -12.49 0.03
N PRO B 308 -2.26 -11.36 -0.68
CA PRO B 308 -2.37 -10.08 0.01
C PRO B 308 -3.73 -9.86 0.66
N ASP B 309 -4.74 -10.66 0.32
CA ASP B 309 -6.04 -10.59 0.96
C ASP B 309 -6.36 -11.87 1.73
N GLY B 310 -5.37 -12.72 1.97
CA GLY B 310 -5.58 -13.96 2.69
C GLY B 310 -5.68 -13.75 4.19
N PHE B 311 -5.74 -14.87 4.91
CA PHE B 311 -5.93 -14.83 6.35
C PHE B 311 -4.75 -14.17 7.06
N ILE B 312 -3.53 -14.52 6.69
CA ILE B 312 -2.37 -13.98 7.38
C ILE B 312 -2.27 -12.47 7.17
N ALA B 313 -2.52 -12.00 5.95
CA ALA B 313 -2.50 -10.57 5.71
C ALA B 313 -3.59 -9.86 6.51
N LYS B 314 -4.76 -10.47 6.61
CA LYS B 314 -5.83 -9.88 7.40
C LYS B 314 -5.45 -9.79 8.87
N PHE B 315 -4.65 -10.74 9.36
CA PHE B 315 -4.21 -10.68 10.75
C PHE B 315 -3.12 -9.65 10.94
N TYR B 316 -2.17 -9.57 9.99
CA TYR B 316 -1.16 -8.52 10.04
C TYR B 316 -1.81 -7.14 10.16
N ASN B 317 -3.00 -6.98 9.55
CA ASN B 317 -3.72 -5.72 9.71
C ASN B 317 -4.08 -5.48 11.16
N ILE B 318 -4.50 -6.52 11.88
CA ILE B 318 -4.78 -6.38 13.30
C ILE B 318 -3.49 -6.11 14.06
N SER B 319 -2.41 -6.81 13.71
CA SER B 319 -1.14 -6.62 14.39
C SER B 319 -0.60 -5.20 14.16
N GLU B 320 -0.71 -4.70 12.94
CA GLU B 320 -0.22 -3.36 12.64
C GLU B 320 -0.84 -2.29 13.54
N THR B 321 -2.04 -2.53 14.03
CA THR B 321 -2.80 -1.51 14.76
C THR B 321 -2.76 -1.65 16.28
N VAL B 322 -2.85 -2.86 16.80
CA VAL B 322 -2.91 -3.07 18.25
C VAL B 322 -1.58 -3.46 18.87
N MET B 323 -0.61 -3.90 18.07
CA MET B 323 0.63 -4.42 18.62
C MET B 323 1.46 -3.29 19.23
N PRO B 324 1.55 -2.13 18.56
CA PRO B 324 2.26 -1.00 19.20
C PRO B 324 1.78 -0.73 20.62
N ALA B 325 0.46 -0.69 20.83
CA ALA B 325 -0.06 -0.44 22.17
C ALA B 325 0.29 -1.58 23.13
N ILE B 326 0.25 -2.82 22.64
CA ILE B 326 0.49 -3.97 23.52
C ILE B 326 1.96 -4.08 23.87
N THR B 327 2.85 -3.89 22.89
CA THR B 327 4.28 -3.94 23.17
C THR B 327 4.66 -2.85 24.17
N LEU B 328 4.26 -1.61 23.91
CA LEU B 328 4.53 -0.53 24.85
C LEU B 328 3.98 -0.84 26.24
N GLY B 329 2.88 -1.59 26.31
CA GLY B 329 2.33 -1.95 27.61
C GLY B 329 3.20 -2.94 28.35
N PHE B 330 3.57 -4.04 27.70
CA PHE B 330 4.31 -5.09 28.39
C PHE B 330 5.74 -4.66 28.69
N LEU B 331 6.36 -3.92 27.79
CA LEU B 331 7.78 -3.59 27.88
C LEU B 331 8.03 -2.13 28.23
N GLY B 332 6.99 -1.39 28.63
CA GLY B 332 7.10 0.02 28.92
C GLY B 332 7.53 0.29 30.36
N THR B 333 7.40 1.56 30.75
CA THR B 333 7.74 2.01 32.09
C THR B 333 6.54 2.39 32.93
N ASP B 334 5.33 2.32 32.36
CA ASP B 334 4.12 2.61 33.12
C ASP B 334 3.71 1.37 33.90
N GLU B 335 3.63 1.50 35.23
CA GLU B 335 3.22 0.37 36.05
C GLU B 335 1.71 0.14 35.99
N ARG B 336 0.93 1.19 35.69
CA ARG B 336 -0.50 1.03 35.50
C ARG B 336 -0.78 0.17 34.26
N LEU B 337 -0.22 0.58 33.12
CA LEU B 337 -0.42 -0.20 31.90
C LEU B 337 0.28 -1.55 32.00
N GLY B 338 1.46 -1.59 32.63
CA GLY B 338 2.16 -2.85 32.78
C GLY B 338 1.40 -3.83 33.66
N GLU B 339 0.81 -3.34 34.75
CA GLU B 339 0.02 -4.20 35.61
C GLU B 339 -1.22 -4.70 34.88
N LEU B 340 -1.88 -3.82 34.12
CA LEU B 340 -2.98 -4.25 33.28
C LEU B 340 -2.53 -5.33 32.30
N CYS B 341 -1.39 -5.11 31.65
CA CYS B 341 -0.85 -6.10 30.73
C CYS B 341 -0.60 -7.42 31.45
N GLN B 342 -0.01 -7.35 32.64
CA GLN B 342 0.28 -8.56 33.39
C GLN B 342 -1.00 -9.29 33.77
N TYR B 343 -2.01 -8.55 34.23
CA TYR B 343 -3.28 -9.16 34.59
C TYR B 343 -3.88 -9.89 33.39
N PHE B 344 -3.84 -9.26 32.21
CA PHE B 344 -4.33 -9.92 31.01
C PHE B 344 -3.57 -11.21 30.73
N LYS B 345 -2.24 -11.15 30.77
CA LYS B 345 -1.44 -12.34 30.53
C LYS B 345 -1.75 -13.42 31.55
N GLU B 346 -1.82 -13.05 32.83
CA GLU B 346 -2.10 -14.02 33.88
C GLU B 346 -3.47 -14.66 33.71
N GLN B 347 -4.46 -13.89 33.23
CA GLN B 347 -5.81 -14.43 33.09
C GLN B 347 -5.91 -15.44 31.96
N VAL B 348 -5.27 -15.17 30.82
CA VAL B 348 -5.31 -16.10 29.71
C VAL B 348 -4.56 -17.38 30.05
N VAL B 349 -3.41 -17.27 30.70
CA VAL B 349 -2.62 -18.45 31.03
C VAL B 349 -3.38 -19.33 32.01
N GLN B 350 -4.01 -18.74 33.02
CA GLN B 350 -4.77 -19.54 33.98
C GLN B 350 -5.98 -20.18 33.35
N PHE B 351 -6.58 -19.53 32.34
CA PHE B 351 -7.68 -20.14 31.62
C PHE B 351 -7.21 -21.40 30.89
N VAL B 352 -6.10 -21.30 30.17
CA VAL B 352 -5.54 -22.47 29.51
C VAL B 352 -5.19 -23.53 30.55
N LEU B 353 -4.75 -23.10 31.74
CA LEU B 353 -4.44 -24.05 32.81
C LEU B 353 -5.71 -24.73 33.32
N ASP B 354 -6.83 -23.99 33.36
CA ASP B 354 -8.05 -24.53 33.94
C ASP B 354 -8.69 -25.56 33.00
N VAL B 355 -8.73 -25.27 31.70
CA VAL B 355 -9.31 -26.20 30.76
C VAL B 355 -8.49 -27.48 30.66
N PHE B 356 -7.23 -27.43 31.07
CA PHE B 356 -6.36 -28.61 31.13
C PHE B 356 -6.29 -29.18 32.54
N ASN B 357 -7.35 -28.99 33.32
CA ASN B 357 -7.45 -29.48 34.68
C ASN B 357 -8.68 -30.35 34.84
N THR B 358 -8.49 -31.60 35.28
CA THR B 358 -9.64 -32.55 35.38
C THR B 358 -10.52 -32.28 36.62
N GLN B 359 -9.91 -31.82 37.72
CA GLN B 359 -10.67 -31.63 38.99
C GLN B 359 -10.89 -30.11 38.97
N ARG B 364 -15.44 -36.89 32.47
CA ARG B 364 -16.10 -35.64 32.02
C ARG B 364 -16.90 -35.91 30.74
N SER B 365 -17.57 -34.89 30.20
CA SER B 365 -18.43 -35.10 29.01
C SER B 365 -18.28 -34.05 27.91
N LEU B 366 -18.91 -34.27 26.74
CA LEU B 366 -18.83 -33.34 25.63
C LEU B 366 -19.59 -32.07 26.02
N GLU B 367 -20.84 -32.23 26.48
CA GLU B 367 -21.63 -31.07 26.88
C GLU B 367 -21.16 -30.51 28.22
N GLU B 368 -20.79 -31.37 29.16
CA GLU B 368 -20.40 -30.89 30.49
C GLU B 368 -19.14 -30.03 30.42
N MET B 369 -18.10 -30.51 29.74
CA MET B 369 -16.90 -29.70 29.64
C MET B 369 -17.06 -28.51 28.70
N SER B 370 -17.87 -28.64 27.64
CA SER B 370 -18.16 -27.48 26.81
C SER B 370 -18.77 -26.37 27.66
N GLU B 371 -19.68 -26.74 28.57
CA GLU B 371 -20.22 -25.77 29.52
C GLU B 371 -19.13 -25.20 30.42
N ASP B 372 -18.23 -26.06 30.90
CA ASP B 372 -17.20 -25.63 31.84
C ASP B 372 -16.19 -24.70 31.17
N VAL B 373 -15.74 -25.05 29.96
CA VAL B 373 -14.73 -24.23 29.31
C VAL B 373 -15.27 -22.85 28.95
N TRP B 374 -16.55 -22.75 28.60
CA TRP B 374 -17.11 -21.45 28.24
C TRP B 374 -17.25 -20.55 29.46
N ILE B 375 -17.66 -21.11 30.60
CA ILE B 375 -17.84 -20.29 31.80
C ILE B 375 -16.51 -19.68 32.22
N VAL B 376 -15.45 -20.50 32.26
CA VAL B 376 -14.13 -19.97 32.63
C VAL B 376 -13.67 -18.95 31.61
N MET B 377 -13.83 -19.26 30.31
CA MET B 377 -13.47 -18.29 29.28
C MET B 377 -14.30 -17.03 29.41
N ARG B 378 -15.63 -17.17 29.49
CA ARG B 378 -16.49 -16.01 29.64
C ARG B 378 -16.09 -15.20 30.87
N ASN B 379 -15.71 -15.88 31.95
CA ASN B 379 -15.42 -15.18 33.20
C ASN B 379 -14.04 -14.53 33.17
N ARG B 380 -13.05 -15.20 32.59
CA ARG B 380 -11.71 -14.62 32.50
C ARG B 380 -11.71 -13.36 31.64
N LEU B 381 -12.29 -13.44 30.44
CA LEU B 381 -12.33 -12.28 29.55
C LEU B 381 -13.09 -11.12 30.16
N GLU B 382 -14.18 -11.40 30.87
CA GLU B 382 -14.95 -10.33 31.50
C GLU B 382 -14.15 -9.64 32.60
N ALA B 383 -13.44 -10.43 33.42
CA ALA B 383 -12.64 -9.86 34.50
C ALA B 383 -11.57 -8.94 33.93
N VAL B 384 -11.01 -9.28 32.77
CA VAL B 384 -9.98 -8.45 32.16
C VAL B 384 -10.59 -7.17 31.60
N GLN B 385 -11.67 -7.30 30.82
CA GLN B 385 -12.32 -6.12 30.27
C GLN B 385 -12.78 -5.17 31.37
N THR B 386 -13.17 -5.71 32.53
CA THR B 386 -13.59 -4.85 33.63
C THR B 386 -12.41 -4.06 34.20
N ARG B 387 -11.35 -4.76 34.60
CA ARG B 387 -10.17 -4.08 35.13
C ARG B 387 -9.58 -3.12 34.10
N MET B 388 -9.86 -3.34 32.82
CA MET B 388 -9.38 -2.44 31.78
C MET B 388 -10.35 -1.27 31.75
N SER B 389 -11.64 -1.54 31.89
CA SER B 389 -12.62 -0.47 31.79
C SER B 389 -12.45 0.62 32.86
N ASN B 390 -12.23 0.18 34.10
CA ASN B 390 -12.08 1.13 35.20
C ASN B 390 -10.85 2.02 35.24
N GLU B 391 -9.73 1.56 34.68
CA GLU B 391 -8.47 2.30 34.72
C GLU B 391 -8.42 3.42 33.70
N ILE C 6 -18.49 -10.49 -35.34
CA ILE C 6 -17.44 -10.17 -34.33
C ILE C 6 -16.22 -11.07 -34.57
N GLU C 7 -16.43 -12.20 -35.26
CA GLU C 7 -15.29 -13.09 -35.61
C GLU C 7 -14.32 -12.29 -36.48
N ALA C 8 -14.86 -11.43 -37.34
CA ALA C 8 -14.00 -10.57 -38.20
C ALA C 8 -13.19 -9.64 -37.30
N ASP C 9 -13.75 -9.25 -36.14
CA ASP C 9 -12.98 -8.42 -35.18
C ASP C 9 -11.72 -9.19 -34.81
N THR C 11 -10.34 -11.37 -36.67
CA THR C 11 -9.54 -11.35 -37.93
C THR C 11 -8.69 -10.08 -37.97
N SER C 12 -9.28 -8.94 -37.58
CA SER C 12 -8.52 -7.66 -37.57
C SER C 12 -7.30 -7.81 -36.67
N GLY C 13 -7.49 -8.35 -35.47
CA GLY C 13 -6.36 -8.57 -34.55
C GLY C 13 -5.21 -9.26 -35.27
N GLN C 14 -5.49 -10.39 -35.91
CA GLN C 14 -4.44 -11.12 -36.67
C GLN C 14 -3.65 -10.10 -37.48
N GLU C 15 -4.36 -9.23 -38.22
CA GLU C 15 -3.71 -8.21 -39.06
C GLU C 15 -2.86 -7.29 -38.17
N LEU C 16 -3.45 -6.78 -37.08
CA LEU C 16 -2.74 -5.83 -36.20
C LEU C 16 -1.45 -6.49 -35.69
N CYS C 17 -1.56 -7.70 -35.13
CA CYS C 17 -0.38 -8.37 -34.54
C CYS C 17 0.67 -8.60 -35.64
N THR C 18 0.24 -9.13 -36.78
CA THR C 18 1.17 -9.40 -37.90
C THR C 18 2.00 -8.13 -38.16
N GLU C 19 1.33 -7.00 -38.40
CA GLU C 19 2.04 -5.73 -38.70
C GLU C 19 2.89 -5.35 -37.49
N LEU C 20 2.36 -5.55 -36.28
CA LEU C 20 3.11 -5.20 -35.04
C LEU C 20 4.42 -5.99 -35.04
N ARG C 21 4.37 -7.28 -35.36
CA ARG C 21 5.60 -8.10 -35.43
C ARG C 21 6.55 -7.49 -36.45
N LYS C 22 6.04 -7.19 -37.64
CA LYS C 22 6.88 -6.58 -38.71
C LYS C 22 7.62 -5.37 -38.13
N THR C 23 6.89 -4.48 -37.44
CA THR C 23 7.51 -3.26 -36.89
C THR C 23 8.64 -3.63 -35.93
N ILE C 24 8.36 -4.54 -34.99
CA ILE C 24 9.38 -4.94 -33.98
C ILE C 24 10.57 -5.55 -34.71
N GLU C 25 10.31 -6.35 -35.74
CA GLU C 25 11.41 -7.01 -36.50
C GLU C 25 12.35 -5.93 -37.03
N LYS C 26 11.79 -4.90 -37.68
CA LYS C 26 12.64 -3.83 -38.26
C LYS C 26 13.46 -3.20 -37.13
N VAL C 27 12.79 -2.83 -36.04
CA VAL C 27 13.49 -2.15 -34.92
C VAL C 27 14.66 -3.04 -34.47
N HIS C 28 14.39 -4.31 -34.21
CA HIS C 28 15.47 -5.25 -33.79
C HIS C 28 16.60 -5.22 -34.81
N HIS C 29 16.29 -5.56 -36.07
CA HIS C 29 17.33 -5.58 -37.12
C HIS C 29 18.15 -4.29 -37.05
N ASN C 30 17.46 -3.15 -36.96
CA ASN C 30 18.16 -1.84 -36.93
C ASN C 30 19.06 -1.77 -35.69
N LEU C 31 18.51 -2.12 -34.53
CA LEU C 31 19.30 -2.09 -33.27
C LEU C 31 20.50 -3.02 -33.42
N GLU C 32 20.29 -4.19 -34.03
CA GLU C 32 21.38 -5.17 -34.22
C GLU C 32 22.54 -4.48 -34.93
N MET C 33 22.24 -3.55 -35.84
CA MET C 33 23.30 -2.88 -36.63
C MET C 33 24.24 -2.09 -35.71
N VAL C 34 23.70 -1.42 -34.69
CA VAL C 34 24.57 -0.54 -33.83
C VAL C 34 24.52 -1.01 -32.38
N SER C 38 27.21 0.41 -27.70
CA SER C 38 27.22 0.57 -26.22
C SER C 38 26.48 -0.60 -25.56
N SER C 39 26.71 -0.79 -24.26
CA SER C 39 26.02 -1.87 -23.51
C SER C 39 24.51 -1.68 -23.64
N LYS C 40 24.04 -0.43 -23.50
CA LYS C 40 22.59 -0.14 -23.61
C LYS C 40 22.11 -0.49 -25.02
N ASP C 41 22.90 -0.17 -26.04
CA ASP C 41 22.54 -0.51 -27.44
C ASP C 41 22.35 -2.03 -27.53
N MET C 42 23.34 -2.79 -27.04
CA MET C 42 23.22 -4.28 -27.04
C MET C 42 22.01 -4.66 -26.18
N GLU C 43 21.86 -4.01 -25.02
CA GLU C 43 20.75 -4.32 -24.10
C GLU C 43 19.42 -4.14 -24.86
N ARG C 44 19.29 -3.02 -25.59
CA ARG C 44 18.03 -2.74 -26.32
C ARG C 44 17.78 -3.86 -27.32
N SER C 45 18.80 -4.23 -28.09
CA SER C 45 18.63 -5.30 -29.11
C SER C 45 18.22 -6.59 -28.40
N ILE C 46 18.86 -6.88 -27.28
CA ILE C 46 18.52 -8.11 -26.50
C ILE C 46 17.06 -8.00 -26.05
N LYS C 47 16.68 -6.87 -25.46
CA LYS C 47 15.29 -6.70 -24.96
C LYS C 47 14.31 -6.82 -26.12
N ILE C 48 14.56 -6.09 -27.21
CA ILE C 48 13.60 -6.10 -28.36
C ILE C 48 13.54 -7.53 -28.91
N GLU C 49 14.68 -8.24 -28.88
CA GLU C 49 14.71 -9.64 -29.38
C GLU C 49 13.66 -10.44 -28.59
N GLY C 50 13.69 -10.31 -27.27
CA GLY C 50 12.70 -11.02 -26.42
C GLY C 50 11.29 -10.58 -26.75
N ILE C 51 11.09 -9.26 -26.93
CA ILE C 51 9.74 -8.73 -27.27
C ILE C 51 9.27 -9.41 -28.55
N LEU C 52 10.14 -9.47 -29.56
CA LEU C 52 9.75 -10.07 -30.87
C LEU C 52 9.35 -11.53 -30.64
N LYS C 53 10.12 -12.26 -29.83
CA LYS C 53 9.84 -13.70 -29.61
C LYS C 53 8.40 -13.84 -29.13
N GLY C 54 8.05 -13.16 -28.05
CA GLY C 54 6.69 -13.28 -27.48
C GLY C 54 5.64 -12.85 -28.48
N LEU C 55 5.87 -11.72 -29.16
CA LEU C 55 4.88 -11.19 -30.13
C LEU C 55 4.63 -12.25 -31.21
N LYS C 56 5.70 -12.87 -31.71
CA LYS C 56 5.56 -13.88 -32.80
C LYS C 56 4.72 -15.05 -32.28
N GLN C 57 5.02 -15.53 -31.07
CA GLN C 57 4.28 -16.68 -30.50
C GLN C 57 2.79 -16.34 -30.45
N VAL C 58 2.46 -15.16 -29.91
CA VAL C 58 1.04 -14.74 -29.81
C VAL C 58 0.45 -14.67 -31.23
N GLU C 59 1.24 -14.14 -32.18
CA GLU C 59 0.74 -14.00 -33.57
C GLU C 59 0.28 -15.38 -34.06
N ASP C 60 1.14 -16.38 -33.91
CA ASP C 60 0.80 -17.75 -34.39
C ASP C 60 -0.49 -18.20 -33.71
N GLU C 61 -0.61 -17.97 -32.41
CA GLU C 61 -1.81 -18.41 -31.65
C GLU C 61 -3.05 -17.80 -32.30
N ILE C 62 -3.03 -16.48 -32.53
CA ILE C 62 -4.20 -15.78 -33.13
C ILE C 62 -4.45 -16.37 -34.53
N VAL C 63 -3.39 -16.63 -35.28
CA VAL C 63 -3.53 -17.13 -36.68
C VAL C 63 -4.36 -18.42 -36.64
N LEU C 64 -4.07 -19.32 -35.71
CA LEU C 64 -4.81 -20.61 -35.60
C LEU C 64 -6.21 -20.35 -35.03
N LEU C 65 -6.35 -19.34 -34.17
CA LEU C 65 -7.64 -19.06 -33.51
C LEU C 65 -8.69 -18.57 -34.53
N CYS C 117 -19.70 0.25 -13.52
CA CYS C 117 -20.10 -0.67 -12.45
C CYS C 117 -19.95 -2.10 -12.94
N ASP C 118 -19.30 -2.94 -12.14
CA ASP C 118 -19.18 -4.37 -12.49
C ASP C 118 -20.49 -5.09 -12.10
N ILE C 119 -20.67 -6.33 -12.55
CA ILE C 119 -21.89 -7.11 -12.17
C ILE C 119 -21.44 -8.44 -11.55
N ASP C 120 -22.29 -9.06 -10.73
CA ASP C 120 -21.90 -10.33 -10.03
C ASP C 120 -22.49 -11.51 -10.77
N ASP C 121 -22.38 -12.72 -10.21
CA ASP C 121 -22.90 -13.95 -10.87
C ASP C 121 -24.40 -13.79 -11.09
N ILE C 122 -24.96 -14.51 -12.07
CA ILE C 122 -26.40 -14.33 -12.41
C ILE C 122 -27.12 -15.68 -12.43
N ASP C 123 -28.45 -15.67 -12.26
CA ASP C 123 -29.26 -16.92 -12.31
C ASP C 123 -30.73 -16.53 -12.44
N PHE C 124 -31.51 -17.30 -13.19
CA PHE C 124 -32.96 -17.00 -13.32
C PHE C 124 -33.69 -18.22 -13.93
N VAL C 125 -34.99 -18.34 -13.65
CA VAL C 125 -35.79 -19.49 -14.16
C VAL C 125 -37.21 -19.01 -14.48
N SER C 126 -38.00 -19.83 -15.16
CA SER C 126 -39.41 -19.47 -15.48
C SER C 126 -40.12 -20.82 -15.60
N ASP C 127 -41.44 -20.82 -15.79
CA ASP C 127 -42.25 -22.03 -15.96
C ASP C 127 -43.10 -22.03 -17.21
N ALA C 128 -44.43 -21.95 -17.10
CA ALA C 128 -45.29 -21.98 -18.30
C ALA C 128 -46.08 -20.71 -18.62
N ALA C 129 -46.68 -20.65 -19.83
CA ALA C 129 -47.47 -19.47 -20.24
C ALA C 129 -48.26 -19.80 -21.50
N ASN C 130 -49.29 -19.01 -21.81
CA ASN C 130 -50.10 -19.23 -23.04
C ASN C 130 -49.60 -18.32 -24.18
N LEU C 131 -49.28 -18.89 -25.34
CA LEU C 131 -48.74 -18.06 -26.46
C LEU C 131 -49.39 -18.48 -27.79
N ASP C 132 -50.70 -18.30 -27.94
CA ASP C 132 -51.41 -18.69 -29.19
C ASP C 132 -52.31 -17.62 -29.82
N LYS C 133 -52.34 -17.56 -31.15
CA LYS C 133 -53.22 -16.60 -31.88
C LYS C 133 -52.62 -15.18 -31.89
N ASN C 134 -52.83 -14.45 -32.98
CA ASN C 134 -52.29 -13.07 -33.10
C ASN C 134 -53.40 -12.06 -32.78
N GLU C 135 -54.58 -12.55 -32.38
CA GLU C 135 -55.73 -11.66 -32.13
C GLU C 135 -55.35 -10.64 -31.05
N LEU C 136 -55.08 -11.11 -29.84
CA LEU C 136 -54.63 -10.19 -28.75
C LEU C 136 -55.40 -8.87 -28.84
N ARG C 137 -56.72 -8.91 -28.66
CA ARG C 137 -57.56 -7.68 -28.78
C ARG C 137 -57.10 -6.64 -27.74
N PHE C 138 -56.84 -7.09 -26.51
CA PHE C 138 -56.35 -6.15 -25.47
C PHE C 138 -55.19 -5.34 -26.06
N LEU C 139 -54.27 -6.00 -26.77
CA LEU C 139 -53.19 -5.28 -27.43
C LEU C 139 -53.75 -4.27 -28.41
N ASP C 140 -54.67 -4.71 -29.27
CA ASP C 140 -55.33 -3.78 -30.18
C ASP C 140 -55.92 -2.60 -29.43
N GLU C 141 -56.55 -2.86 -28.28
CA GLU C 141 -57.05 -1.78 -27.44
C GLU C 141 -55.95 -0.76 -27.15
N GLY C 142 -54.84 -1.23 -26.58
CA GLY C 142 -53.71 -0.34 -26.30
C GLY C 142 -53.12 0.25 -27.55
N MET C 143 -53.14 -0.49 -28.66
CA MET C 143 -52.59 0.03 -29.91
C MET C 143 -53.40 1.23 -30.41
N GLN C 144 -54.72 1.08 -30.48
CA GLN C 144 -55.55 2.22 -30.87
C GLN C 144 -55.38 3.38 -29.91
N ALA C 145 -55.08 3.09 -28.65
CA ALA C 145 -54.82 4.12 -27.65
C ALA C 145 -53.59 4.93 -28.05
N ALA C 146 -52.43 4.27 -28.05
CA ALA C 146 -51.20 4.96 -28.47
C ALA C 146 -51.36 5.65 -29.81
N LEU C 147 -52.11 5.04 -30.73
CA LEU C 147 -52.36 5.67 -32.02
C LEU C 147 -53.17 6.96 -31.87
N ASN C 148 -53.97 7.06 -30.81
CA ASN C 148 -54.84 8.21 -30.60
C ASN C 148 -54.17 9.33 -29.82
N GLY C 149 -53.01 9.09 -29.21
CA GLY C 149 -52.39 10.08 -28.37
C GLY C 149 -52.78 10.03 -26.92
N GLU C 150 -53.16 8.87 -26.42
CA GLU C 150 -53.61 8.71 -25.04
C GLU C 150 -52.54 8.15 -24.12
N VAL C 151 -51.64 7.31 -24.64
CA VAL C 151 -50.60 6.67 -23.83
C VAL C 151 -49.49 7.69 -23.61
N LYS C 152 -49.51 8.34 -22.44
CA LYS C 152 -48.44 9.33 -22.12
C LYS C 152 -47.47 8.69 -21.12
N TYR C 153 -46.20 8.56 -21.50
CA TYR C 153 -45.18 7.95 -20.62
C TYR C 153 -44.13 8.97 -20.21
N ARG C 154 -43.15 8.58 -19.39
CA ARG C 154 -42.14 9.54 -18.88
C ARG C 154 -40.74 9.11 -19.35
N LYS C 155 -40.44 7.81 -19.31
CA LYS C 155 -39.06 7.36 -19.63
C LYS C 155 -38.77 6.91 -21.07
N SER C 156 -39.72 6.26 -21.73
CA SER C 156 -39.44 5.67 -23.07
C SER C 156 -38.56 4.40 -23.03
N ARG C 157 -38.94 3.46 -22.16
CA ARG C 157 -38.11 2.24 -21.95
C ARG C 157 -38.36 1.23 -23.07
N MET C 158 -38.40 1.70 -24.32
CA MET C 158 -38.68 0.80 -25.47
C MET C 158 -37.58 -0.25 -25.55
N GLU C 159 -36.36 0.14 -25.91
CA GLU C 159 -35.28 -0.83 -26.08
C GLU C 159 -35.18 -1.75 -24.86
N PHE C 160 -35.44 -1.21 -23.67
CA PHE C 160 -35.32 -2.01 -22.46
C PHE C 160 -36.32 -3.16 -22.47
N CYS C 161 -37.57 -2.88 -22.86
CA CYS C 161 -38.62 -3.88 -22.88
C CYS C 161 -38.71 -4.61 -24.21
N LYS C 162 -37.73 -4.41 -25.10
CA LYS C 162 -37.55 -5.24 -26.30
C LYS C 162 -38.83 -5.25 -27.15
N CYS C 163 -39.32 -4.06 -27.49
CA CYS C 163 -40.49 -3.95 -28.33
C CYS C 163 -40.09 -3.58 -29.76
N ASP C 164 -41.08 -3.58 -30.65
CA ASP C 164 -40.83 -3.31 -32.05
C ASP C 164 -40.59 -1.83 -32.30
N SER C 165 -41.47 -0.99 -31.75
CA SER C 165 -41.39 0.45 -31.94
C SER C 165 -42.01 1.09 -30.71
N GLU C 166 -41.83 2.41 -30.60
CA GLU C 166 -42.52 3.13 -29.52
C GLU C 166 -44.09 2.97 -29.43
N THR C 167 -44.65 2.86 -30.63
CA THR C 167 -46.07 2.53 -30.75
C THR C 167 -46.39 1.20 -30.10
N ASP C 168 -45.54 0.20 -30.30
CA ASP C 168 -45.75 -1.09 -29.63
C ASP C 168 -45.57 -0.96 -28.13
N PHE C 169 -44.60 -0.13 -27.71
CA PHE C 169 -44.42 0.12 -26.29
C PHE C 169 -45.64 0.82 -25.70
N ALA C 170 -46.03 1.95 -26.28
CA ALA C 170 -47.17 2.70 -25.76
C ALA C 170 -48.38 1.81 -25.57
N ALA C 171 -48.61 0.87 -26.50
CA ALA C 171 -49.73 -0.05 -26.37
C ALA C 171 -49.48 -1.03 -25.23
N LYS C 172 -48.36 -1.74 -25.28
CA LYS C 172 -48.04 -2.71 -24.24
C LYS C 172 -47.99 -2.05 -22.86
N LEU C 173 -47.53 -0.80 -22.78
CA LEU C 173 -47.51 -0.09 -21.52
C LEU C 173 -48.93 0.17 -21.02
N TYR C 174 -49.78 0.74 -21.87
CA TYR C 174 -51.19 0.92 -21.52
C TYR C 174 -51.79 -0.37 -20.98
N CYS C 175 -51.45 -1.51 -21.58
CA CYS C 175 -51.95 -2.79 -21.11
C CYS C 175 -51.36 -3.16 -19.75
N VAL C 176 -50.05 -2.96 -19.58
CA VAL C 176 -49.41 -3.35 -18.33
C VAL C 176 -49.93 -2.51 -17.18
N ARG C 177 -50.11 -1.21 -17.41
CA ARG C 177 -50.73 -0.37 -16.38
C ARG C 177 -52.09 -0.90 -16.00
N GLN C 178 -52.92 -1.21 -17.00
CA GLN C 178 -54.26 -1.71 -16.74
C GLN C 178 -54.22 -3.02 -15.95
N ALA C 179 -53.40 -3.97 -16.42
CA ALA C 179 -53.34 -5.28 -15.76
C ALA C 179 -52.83 -5.15 -14.33
N LEU C 180 -51.76 -4.38 -14.13
CA LEU C 180 -51.19 -4.23 -12.80
C LEU C 180 -52.17 -3.57 -11.84
N THR C 181 -52.68 -2.38 -12.22
CA THR C 181 -53.63 -1.69 -11.36
C THR C 181 -54.89 -2.52 -11.15
N ASN C 182 -55.32 -3.25 -12.17
CA ASN C 182 -56.49 -4.11 -12.03
C ASN C 182 -56.23 -5.23 -11.04
N ALA C 183 -55.10 -5.94 -11.19
CA ALA C 183 -54.78 -7.01 -10.25
C ALA C 183 -54.61 -6.47 -8.84
N LEU C 184 -54.06 -5.26 -8.71
CA LEU C 184 -53.91 -4.62 -7.40
C LEU C 184 -55.21 -4.02 -6.88
N LYS C 185 -56.31 -4.16 -7.62
CA LYS C 185 -57.62 -3.85 -7.06
C LYS C 185 -57.96 -4.81 -5.92
N ASP C 186 -57.42 -6.03 -5.97
CA ASP C 186 -57.58 -7.00 -4.90
C ASP C 186 -56.75 -6.55 -3.70
N GLU C 187 -57.40 -6.38 -2.55
CA GLU C 187 -56.70 -5.91 -1.36
C GLU C 187 -55.79 -6.99 -0.78
N HIS C 188 -56.15 -8.27 -0.96
CA HIS C 188 -55.29 -9.35 -0.47
C HIS C 188 -53.96 -9.38 -1.22
N LYS C 189 -53.99 -9.11 -2.52
CA LYS C 189 -52.76 -9.12 -3.30
C LYS C 189 -51.91 -7.91 -2.92
N ARG C 190 -52.56 -6.77 -2.68
CA ARG C 190 -51.82 -5.62 -2.16
C ARG C 190 -51.08 -5.99 -0.88
N VAL C 191 -51.79 -6.61 0.07
CA VAL C 191 -51.17 -6.99 1.33
C VAL C 191 -50.03 -7.99 1.18
N TRP C 192 -50.23 -9.00 0.33
CA TRP C 192 -49.17 -9.99 0.14
C TRP C 192 -47.92 -9.35 -0.44
N LEU C 193 -48.08 -8.49 -1.44
CA LEU C 193 -46.92 -7.87 -2.08
C LEU C 193 -46.16 -6.98 -1.10
N ALA C 194 -46.88 -6.19 -0.31
CA ALA C 194 -46.22 -5.35 0.69
C ALA C 194 -45.45 -6.20 1.69
N LYS C 195 -46.09 -7.25 2.22
CA LYS C 195 -45.42 -8.14 3.16
C LYS C 195 -44.20 -8.79 2.52
N CYS C 196 -44.30 -9.16 1.24
CA CYS C 196 -43.19 -9.80 0.56
C CYS C 196 -42.02 -8.84 0.38
N GLY C 197 -42.30 -7.64 -0.15
CA GLY C 197 -41.25 -6.65 -0.28
C GLY C 197 -40.64 -6.26 1.05
N ARG C 198 -41.45 -6.24 2.10
CA ARG C 198 -40.93 -5.94 3.44
C ARG C 198 -39.92 -6.99 3.88
N THR C 199 -40.35 -8.25 3.93
CA THR C 199 -39.44 -9.31 4.35
C THR C 199 -38.25 -9.46 3.40
N LEU C 200 -38.44 -9.11 2.13
CA LEU C 200 -37.35 -9.19 1.17
C LEU C 200 -36.27 -8.16 1.50
N LEU C 201 -36.67 -6.88 1.56
CA LEU C 201 -35.72 -5.83 1.91
C LEU C 201 -35.16 -6.00 3.31
N ALA C 202 -35.96 -6.54 4.23
CA ALA C 202 -35.48 -6.77 5.59
C ALA C 202 -34.37 -7.82 5.63
N ASP C 203 -34.59 -8.97 4.99
CA ASP C 203 -33.55 -10.00 4.94
C ASP C 203 -32.27 -9.48 4.31
N PHE C 204 -32.37 -8.60 3.33
CA PHE C 204 -31.17 -8.01 2.75
C PHE C 204 -30.45 -7.17 3.78
N ILE C 205 -31.16 -6.22 4.41
CA ILE C 205 -30.54 -5.36 5.40
C ILE C 205 -29.95 -6.19 6.53
N ARG C 206 -30.57 -7.32 6.86
CA ARG C 206 -29.97 -8.22 7.84
C ARG C 206 -28.59 -8.81 7.52
N HIS C 207 -28.43 -9.34 6.32
CA HIS C 207 -27.14 -9.94 5.94
C HIS C 207 -25.98 -8.93 5.73
N THR C 208 -26.34 -7.65 5.82
CA THR C 208 -25.36 -6.57 5.88
C THR C 208 -25.07 -6.42 7.37
N LYS C 209 -25.48 -7.38 8.19
CA LYS C 209 -25.25 -7.36 9.63
C LYS C 209 -25.77 -6.07 10.26
N GLN C 210 -26.91 -5.61 9.77
CA GLN C 210 -27.54 -4.38 10.21
C GLN C 210 -28.91 -4.68 10.81
N ASP C 211 -29.51 -3.64 11.40
CA ASP C 211 -30.82 -3.77 12.01
C ASP C 211 -31.88 -3.11 11.14
N PRO C 212 -32.94 -3.83 10.78
CA PRO C 212 -33.92 -3.26 9.84
C PRO C 212 -35.08 -2.56 10.54
N VAL C 213 -34.85 -2.11 11.78
CA VAL C 213 -35.92 -1.47 12.53
C VAL C 213 -36.35 -0.17 11.86
N LYS C 214 -35.38 0.68 11.52
CA LYS C 214 -35.70 1.96 10.89
C LYS C 214 -36.36 1.76 9.54
N PHE C 215 -35.92 0.75 8.78
CA PHE C 215 -36.56 0.46 7.51
C PHE C 215 -38.02 0.10 7.70
N PHE C 216 -38.32 -0.75 8.68
CA PHE C 216 -39.71 -1.12 8.95
C PHE C 216 -40.54 0.11 9.24
N ASN C 217 -40.00 1.07 10.00
CA ASN C 217 -40.72 2.30 10.29
C ASN C 217 -40.99 3.07 9.01
N ALA C 218 -39.97 3.24 8.16
CA ALA C 218 -40.17 3.94 6.90
C ALA C 218 -41.07 3.14 5.96
N TYR C 219 -40.88 1.82 5.92
CA TYR C 219 -41.74 0.97 5.10
C TYR C 219 -43.19 1.05 5.56
N ASP C 220 -43.41 0.92 6.87
CA ASP C 220 -44.78 0.99 7.39
C ASP C 220 -45.37 2.38 7.22
N GLU C 221 -44.60 3.42 7.56
CA GLU C 221 -45.07 4.78 7.37
C GLU C 221 -45.52 5.00 5.93
N MET C 222 -44.78 4.43 4.97
CA MET C 222 -45.14 4.54 3.57
C MET C 222 -46.34 3.67 3.20
N LEU C 223 -46.49 2.50 3.84
CA LEU C 223 -47.62 1.65 3.53
C LEU C 223 -48.94 2.30 3.92
N GLU C 224 -48.97 2.95 5.09
CA GLU C 224 -50.17 3.67 5.51
C GLU C 224 -50.47 4.86 4.59
N TYR C 225 -49.44 5.53 4.09
CA TYR C 225 -49.67 6.71 3.24
C TYR C 225 -50.38 6.32 1.96
N VAL C 226 -49.91 5.28 1.27
CA VAL C 226 -50.53 4.89 0.01
C VAL C 226 -51.87 4.21 0.28
N SER C 227 -51.98 3.51 1.41
CA SER C 227 -53.26 2.89 1.76
C SER C 227 -54.31 3.96 2.05
N ASN C 228 -53.91 5.10 2.61
CA ASN C 228 -54.84 6.19 2.85
C ASN C 228 -55.08 6.89 1.51
N ASP C 229 -56.28 6.71 0.95
CA ASP C 229 -56.55 7.20 -0.40
C ASP C 229 -56.75 8.71 -0.47
N ARG C 230 -57.00 9.38 0.66
CA ARG C 230 -57.17 10.83 0.60
C ARG C 230 -55.87 11.54 0.25
N ASN C 231 -54.73 10.85 0.34
CA ASN C 231 -53.44 11.41 -0.03
C ASN C 231 -53.14 11.28 -1.51
N GLU C 232 -54.14 10.93 -2.33
CA GLU C 232 -53.91 10.71 -3.75
C GLU C 232 -53.49 11.99 -4.44
N GLU C 233 -54.19 13.09 -4.15
CA GLU C 233 -53.84 14.37 -4.78
C GLU C 233 -52.39 14.73 -4.50
N GLN C 234 -51.98 14.66 -3.23
CA GLN C 234 -50.59 14.95 -2.89
C GLN C 234 -49.64 13.99 -3.59
N LEU C 235 -49.98 12.70 -3.61
CA LEU C 235 -49.12 11.72 -4.29
C LEU C 235 -48.98 12.05 -5.77
N ARG C 236 -50.05 12.57 -6.39
CA ARG C 236 -49.96 13.00 -7.78
C ARG C 236 -49.07 14.22 -7.93
N GLN C 237 -49.35 15.27 -7.14
CA GLN C 237 -48.58 16.51 -7.24
C GLN C 237 -47.08 16.26 -7.16
N ASP C 238 -46.66 15.28 -6.36
CA ASP C 238 -45.25 14.93 -6.25
C ASP C 238 -44.73 14.29 -7.54
N VAL C 239 -45.21 13.09 -7.87
CA VAL C 239 -44.69 12.36 -9.01
C VAL C 239 -44.94 13.11 -10.31
N GLU C 240 -46.11 13.72 -10.45
CA GLU C 240 -46.35 14.54 -11.64
C GLU C 240 -45.38 15.70 -11.73
N GLY C 241 -44.99 16.25 -10.59
CA GLY C 241 -43.99 17.30 -10.58
C GLY C 241 -42.61 16.83 -10.96
N ARG C 242 -42.33 15.53 -10.79
CA ARG C 242 -41.09 14.92 -11.22
C ARG C 242 -41.19 14.30 -12.61
N GLY C 243 -42.22 14.65 -13.37
CA GLY C 243 -42.37 14.21 -14.73
C GLY C 243 -43.07 12.88 -14.92
N VAL C 244 -43.57 12.26 -13.86
CA VAL C 244 -44.34 11.03 -13.99
C VAL C 244 -45.75 11.40 -14.43
N CYS C 245 -46.32 10.62 -15.34
CA CYS C 245 -47.61 10.97 -15.92
C CYS C 245 -48.78 10.34 -15.16
N GLU C 246 -48.80 9.02 -15.08
CA GLU C 246 -49.84 8.31 -14.34
C GLU C 246 -49.32 7.87 -12.98
N THR C 247 -50.26 7.58 -12.08
CA THR C 247 -49.94 7.19 -10.72
C THR C 247 -50.21 5.71 -10.46
N GLY C 248 -50.28 4.89 -11.51
CA GLY C 248 -50.46 3.47 -11.32
C GLY C 248 -49.25 2.87 -10.62
N PHE C 249 -49.28 1.55 -10.39
CA PHE C 249 -48.14 0.92 -9.72
C PHE C 249 -46.89 0.99 -10.58
N TYR C 250 -47.00 0.63 -11.86
CA TYR C 250 -45.82 0.57 -12.71
C TYR C 250 -45.14 1.92 -12.82
N ASP C 251 -45.93 2.99 -13.02
CA ASP C 251 -45.34 4.30 -13.26
C ASP C 251 -44.63 4.83 -12.02
N VAL C 252 -45.20 4.62 -10.84
CA VAL C 252 -44.64 5.18 -9.61
C VAL C 252 -43.65 4.23 -8.95
N ALA C 253 -43.99 2.94 -8.87
CA ALA C 253 -43.15 1.99 -8.18
C ALA C 253 -42.05 1.42 -9.07
N ILE C 254 -42.44 0.85 -10.22
CA ILE C 254 -41.48 0.17 -11.08
C ILE C 254 -40.68 1.17 -11.90
N ASP C 255 -41.37 1.95 -12.73
CA ASP C 255 -40.69 2.85 -13.66
C ASP C 255 -39.98 3.98 -12.94
N PHE C 256 -40.60 4.56 -11.92
CA PHE C 256 -40.09 5.78 -11.32
C PHE C 256 -39.06 5.52 -10.22
N ILE C 257 -39.20 4.43 -9.48
CA ILE C 257 -38.38 4.21 -8.29
C ILE C 257 -37.32 3.16 -8.55
N ILE C 258 -37.73 1.89 -8.67
CA ILE C 258 -36.76 0.80 -8.78
C ILE C 258 -35.95 0.90 -10.07
N LEU C 259 -36.64 0.89 -11.22
CA LEU C 259 -35.93 0.83 -12.49
C LEU C 259 -34.99 2.02 -12.65
N ASP C 260 -35.41 3.20 -12.18
CA ASP C 260 -34.48 4.33 -12.13
C ASP C 260 -33.36 4.07 -11.13
N ALA C 261 -33.66 3.35 -10.04
CA ALA C 261 -32.63 3.06 -9.05
C ALA C 261 -31.56 2.14 -9.61
N PHE C 262 -31.96 1.09 -10.33
CA PHE C 262 -30.97 0.24 -10.99
C PHE C 262 -30.14 1.03 -11.99
N GLU C 263 -30.73 2.09 -12.55
CA GLU C 263 -30.00 2.94 -13.49
C GLU C 263 -28.99 3.81 -12.76
N ASP C 264 -29.41 4.42 -11.64
CA ASP C 264 -28.50 5.27 -10.88
C ASP C 264 -27.33 4.48 -10.30
N LEU C 265 -27.56 3.20 -9.98
CA LEU C 265 -26.49 2.36 -9.46
C LEU C 265 -25.49 1.95 -10.53
N LYS C 266 -25.77 2.22 -11.80
CA LYS C 266 -24.82 1.92 -12.86
C LYS C 266 -23.87 3.08 -13.16
N SER C 267 -24.20 4.30 -12.72
CA SER C 267 -23.35 5.48 -12.93
C SER C 267 -23.19 6.24 -11.62
N PRO C 268 -22.46 5.66 -10.67
CA PRO C 268 -22.26 6.33 -9.38
C PRO C 268 -21.16 7.37 -9.46
N PRO C 269 -21.20 8.40 -8.61
CA PRO C 269 -20.11 9.38 -8.59
C PRO C 269 -18.76 8.72 -8.36
N SER C 270 -17.72 9.34 -8.92
CA SER C 270 -16.36 8.80 -8.78
C SER C 270 -15.98 8.61 -7.32
N ALA C 271 -16.52 9.44 -6.42
CA ALA C 271 -16.16 9.34 -5.01
C ALA C 271 -16.74 8.09 -4.36
N VAL C 272 -18.07 7.93 -4.43
CA VAL C 272 -18.72 6.81 -3.75
C VAL C 272 -18.23 5.48 -4.30
N TYR C 273 -17.93 5.42 -5.59
CA TYR C 273 -17.50 4.15 -6.18
C TYR C 273 -16.12 3.75 -5.70
N SER C 274 -15.20 4.72 -5.60
CA SER C 274 -13.86 4.41 -5.10
C SER C 274 -13.91 3.96 -3.65
N VAL C 275 -14.90 4.42 -2.88
CA VAL C 275 -14.99 4.04 -1.48
C VAL C 275 -15.53 2.62 -1.35
N THR C 276 -16.58 2.29 -2.11
CA THR C 276 -17.17 0.96 -2.02
C THR C 276 -16.18 -0.12 -2.43
N LYS C 277 -15.45 0.11 -3.53
CA LYS C 277 -14.55 -0.89 -4.09
C LYS C 277 -13.17 -0.88 -3.43
N ASN C 278 -13.07 -0.35 -2.21
CA ASN C 278 -11.81 -0.30 -1.48
C ASN C 278 -11.56 -1.65 -0.80
N TYR C 279 -10.64 -2.43 -1.36
CA TYR C 279 -10.32 -3.73 -0.79
C TYR C 279 -9.56 -3.64 0.52
N PHE C 280 -9.33 -2.44 1.05
CA PHE C 280 -8.66 -2.26 2.33
C PHE C 280 -9.63 -1.77 3.38
N MET C 281 -10.92 -1.67 3.06
CA MET C 281 -11.96 -1.32 4.00
C MET C 281 -12.78 -2.53 4.37
N SER C 282 -13.19 -2.62 5.63
CA SER C 282 -14.05 -3.72 6.04
C SER C 282 -15.45 -3.49 5.48
N MET C 283 -16.28 -4.52 5.58
CA MET C 283 -17.69 -4.35 5.25
C MET C 283 -18.32 -3.29 6.13
N SER C 284 -17.98 -3.29 7.42
CA SER C 284 -18.51 -2.29 8.33
C SER C 284 -18.21 -0.83 8.00
N MET C 285 -16.93 -0.52 7.75
CA MET C 285 -16.57 0.85 7.39
C MET C 285 -17.11 1.32 6.02
N LYS C 286 -17.31 0.36 5.12
CA LYS C 286 -17.90 0.67 3.81
C LYS C 286 -19.31 1.13 4.16
N TYR C 287 -20.06 0.28 4.86
CA TYR C 287 -21.46 0.61 5.17
C TYR C 287 -21.55 1.91 5.98
N SER C 288 -20.69 2.08 6.96
CA SER C 288 -20.75 3.30 7.77
C SER C 288 -20.53 4.53 6.92
N THR C 289 -19.51 4.49 6.05
CA THR C 289 -19.27 5.61 5.14
C THR C 289 -20.45 5.82 4.20
N LEU C 290 -21.01 4.73 3.68
CA LEU C 290 -22.12 4.87 2.74
C LEU C 290 -23.35 5.48 3.40
N ASN C 291 -23.68 5.04 4.62
CA ASN C 291 -24.85 5.58 5.29
C ASN C 291 -24.69 7.06 5.58
N THR C 292 -23.48 7.47 6.00
CA THR C 292 -23.23 8.89 6.23
C THR C 292 -23.47 9.70 4.97
N ILE C 293 -22.96 9.22 3.83
CA ILE C 293 -23.16 9.92 2.57
C ILE C 293 -24.64 9.93 2.19
N ILE C 294 -25.28 8.76 2.23
CA ILE C 294 -26.68 8.67 1.81
C ILE C 294 -27.56 9.49 2.72
N TRP C 295 -27.37 9.39 4.03
CA TRP C 295 -28.16 10.19 4.95
C TRP C 295 -28.00 11.67 4.66
N SER C 296 -26.76 12.10 4.38
CA SER C 296 -26.51 13.52 4.17
C SER C 296 -27.04 14.00 2.84
N ILE C 297 -27.01 13.15 1.80
CA ILE C 297 -27.58 13.55 0.52
C ILE C 297 -29.10 13.63 0.59
N ILE C 298 -29.73 12.64 1.23
CA ILE C 298 -31.19 12.65 1.33
C ILE C 298 -31.66 13.81 2.21
N LYS C 299 -30.89 14.13 3.25
CA LYS C 299 -31.14 15.36 4.00
C LYS C 299 -31.03 16.58 3.08
N SER C 300 -30.04 16.59 2.20
CA SER C 300 -29.87 17.71 1.28
C SER C 300 -30.99 17.79 0.26
N LYS C 301 -31.52 16.65 -0.18
CA LYS C 301 -32.64 16.65 -1.12
C LYS C 301 -33.94 16.99 -0.41
N ARG C 302 -34.10 16.54 0.84
CA ARG C 302 -35.34 16.80 1.57
C ARG C 302 -35.56 18.29 1.74
N GLN C 303 -34.50 19.09 1.73
CA GLN C 303 -34.64 20.54 1.83
C GLN C 303 -35.41 21.11 0.65
N ARG C 304 -35.26 20.49 -0.53
CA ARG C 304 -35.88 21.02 -1.75
C ARG C 304 -37.34 20.62 -1.90
N LEU C 305 -37.82 19.68 -1.09
CA LEU C 305 -39.19 19.21 -1.24
C LEU C 305 -40.18 20.29 -0.81
N LYS C 306 -41.33 20.29 -1.48
CA LYS C 306 -42.40 21.22 -1.13
C LYS C 306 -43.27 20.73 0.02
N ASN C 307 -43.20 19.44 0.37
CA ASN C 307 -44.01 18.92 1.46
C ASN C 307 -43.19 17.95 2.32
N PRO C 308 -42.93 18.29 3.59
CA PRO C 308 -42.07 17.44 4.42
C PRO C 308 -42.69 16.12 4.83
N ASP C 309 -44.02 15.95 4.70
CA ASP C 309 -44.66 14.66 4.97
C ASP C 309 -45.31 14.08 3.72
N GLY C 310 -44.95 14.61 2.56
CA GLY C 310 -45.51 14.16 1.30
C GLY C 310 -44.91 12.85 0.84
N PHE C 311 -45.30 12.46 -0.38
CA PHE C 311 -44.89 11.16 -0.92
C PHE C 311 -43.37 11.08 -1.07
N ILE C 312 -42.75 12.12 -1.62
CA ILE C 312 -41.30 12.08 -1.84
C ILE C 312 -40.57 12.01 -0.51
N ALA C 313 -41.01 12.81 0.47
CA ALA C 313 -40.38 12.76 1.79
C ALA C 313 -40.60 11.41 2.46
N LYS C 314 -41.80 10.85 2.32
CA LYS C 314 -42.08 9.55 2.91
C LYS C 314 -41.24 8.45 2.26
N PHE C 315 -40.94 8.59 0.96
CA PHE C 315 -40.08 7.61 0.31
C PHE C 315 -38.62 7.83 0.66
N TYR C 316 -38.18 9.08 0.72
CA TYR C 316 -36.82 9.37 1.15
C TYR C 316 -36.52 8.71 2.48
N ASN C 317 -37.52 8.58 3.35
CA ASN C 317 -37.33 7.87 4.60
C ASN C 317 -36.94 6.41 4.36
N ILE C 318 -37.58 5.76 3.38
CA ILE C 318 -37.21 4.40 3.04
C ILE C 318 -35.81 4.35 2.42
N SER C 319 -35.50 5.30 1.54
CA SER C 319 -34.19 5.33 0.91
C SER C 319 -33.09 5.52 1.95
N GLU C 320 -33.34 6.39 2.93
CA GLU C 320 -32.36 6.65 3.99
C GLU C 320 -31.93 5.36 4.68
N THR C 321 -32.80 4.35 4.68
CA THR C 321 -32.58 3.13 5.45
C THR C 321 -32.11 1.95 4.61
N VAL C 322 -32.66 1.76 3.42
CA VAL C 322 -32.36 0.59 2.61
C VAL C 322 -31.27 0.82 1.56
N MET C 323 -31.00 2.07 1.20
CA MET C 323 -30.06 2.36 0.13
C MET C 323 -28.63 2.06 0.54
N PRO C 324 -28.22 2.42 1.77
CA PRO C 324 -26.88 2.04 2.21
C PRO C 324 -26.58 0.56 2.05
N ALA C 325 -27.50 -0.31 2.48
CA ALA C 325 -27.29 -1.74 2.33
C ALA C 325 -27.27 -2.15 0.85
N ILE C 326 -28.12 -1.54 0.05
CA ILE C 326 -28.22 -1.93 -1.36
C ILE C 326 -26.99 -1.48 -2.13
N THR C 327 -26.53 -0.25 -1.88
CA THR C 327 -25.31 0.23 -2.53
C THR C 327 -24.13 -0.66 -2.16
N LEU C 328 -23.96 -0.94 -0.86
CA LEU C 328 -22.90 -1.84 -0.43
C LEU C 328 -23.00 -3.19 -1.13
N GLY C 329 -24.22 -3.63 -1.45
CA GLY C 329 -24.38 -4.88 -2.17
C GLY C 329 -23.97 -4.79 -3.62
N PHE C 330 -24.52 -3.81 -4.35
CA PHE C 330 -24.27 -3.71 -5.79
C PHE C 330 -22.84 -3.27 -6.08
N LEU C 331 -22.31 -2.34 -5.28
CA LEU C 331 -21.05 -1.69 -5.59
C LEU C 331 -19.91 -2.11 -4.67
N GLY C 332 -20.11 -3.14 -3.86
CA GLY C 332 -19.11 -3.61 -2.93
C GLY C 332 -18.16 -4.61 -3.56
N THR C 333 -17.35 -5.23 -2.70
CA THR C 333 -16.41 -6.26 -3.11
C THR C 333 -16.81 -7.65 -2.60
N ASP C 334 -17.91 -7.76 -1.86
CA ASP C 334 -18.38 -9.06 -1.39
C ASP C 334 -19.16 -9.74 -2.49
N GLU C 335 -18.72 -10.94 -2.86
CA GLU C 335 -19.40 -11.69 -3.92
C GLU C 335 -20.72 -12.27 -3.44
N ARG C 336 -20.85 -12.50 -2.14
CA ARG C 336 -22.12 -12.97 -1.58
C ARG C 336 -23.21 -11.90 -1.71
N LEU C 337 -22.93 -10.69 -1.22
CA LEU C 337 -23.92 -9.61 -1.29
C LEU C 337 -24.18 -9.18 -2.72
N GLY C 338 -23.14 -9.16 -3.56
CA GLY C 338 -23.33 -8.75 -4.94
C GLY C 338 -24.24 -9.69 -5.71
N GLU C 339 -24.09 -10.99 -5.48
CA GLU C 339 -24.94 -11.96 -6.18
C GLU C 339 -26.40 -11.82 -5.77
N LEU C 340 -26.66 -11.57 -4.48
CA LEU C 340 -28.02 -11.30 -4.05
C LEU C 340 -28.61 -10.11 -4.81
N CYS C 341 -27.87 -9.02 -4.87
CA CYS C 341 -28.32 -7.84 -5.60
C CYS C 341 -28.57 -8.18 -7.07
N GLN C 342 -27.67 -8.93 -7.69
CA GLN C 342 -27.84 -9.29 -9.10
C GLN C 342 -29.08 -10.14 -9.30
N TYR C 343 -29.28 -11.13 -8.44
CA TYR C 343 -30.48 -11.96 -8.55
C TYR C 343 -31.72 -11.09 -8.36
N PHE C 344 -31.69 -10.19 -7.38
CA PHE C 344 -32.81 -9.28 -7.19
C PHE C 344 -33.05 -8.44 -8.44
N LYS C 345 -31.98 -7.84 -8.97
CA LYS C 345 -32.11 -7.00 -10.16
C LYS C 345 -32.62 -7.79 -11.36
N GLU C 346 -32.02 -8.95 -11.63
CA GLU C 346 -32.41 -9.71 -12.82
C GLU C 346 -33.85 -10.18 -12.72
N GLN C 347 -34.32 -10.54 -11.52
CA GLN C 347 -35.69 -11.00 -11.37
C GLN C 347 -36.67 -9.84 -11.56
N VAL C 348 -36.32 -8.66 -11.06
CA VAL C 348 -37.18 -7.50 -11.26
C VAL C 348 -37.20 -7.11 -12.74
N VAL C 349 -36.03 -7.12 -13.39
CA VAL C 349 -35.96 -6.79 -14.80
C VAL C 349 -36.72 -7.84 -15.61
N GLN C 350 -36.57 -9.11 -15.25
CA GLN C 350 -37.25 -10.17 -15.98
C GLN C 350 -38.77 -10.06 -15.85
N PHE C 351 -39.25 -9.57 -14.69
CA PHE C 351 -40.69 -9.34 -14.54
C PHE C 351 -41.17 -8.28 -15.53
N VAL C 352 -40.47 -7.15 -15.58
CA VAL C 352 -40.83 -6.11 -16.54
C VAL C 352 -40.71 -6.62 -17.96
N LEU C 353 -39.72 -7.49 -18.22
CA LEU C 353 -39.56 -8.06 -19.55
C LEU C 353 -40.68 -9.01 -19.93
N ASP C 354 -41.18 -9.79 -18.97
CA ASP C 354 -42.18 -10.81 -19.30
C ASP C 354 -43.56 -10.21 -19.48
N VAL C 355 -43.93 -9.22 -18.64
CA VAL C 355 -45.24 -8.60 -18.76
C VAL C 355 -45.34 -7.82 -20.06
N PHE C 356 -44.21 -7.48 -20.68
CA PHE C 356 -44.19 -6.79 -21.97
C PHE C 356 -43.98 -7.74 -23.14
N ASN C 357 -44.41 -8.99 -22.99
CA ASN C 357 -44.30 -9.99 -24.05
C ASN C 357 -45.65 -10.64 -24.28
N THR C 358 -46.13 -10.58 -25.53
CA THR C 358 -47.40 -11.21 -25.87
C THR C 358 -47.31 -12.73 -25.77
N GLN C 359 -46.09 -13.28 -25.82
CA GLN C 359 -45.89 -14.72 -25.75
C GLN C 359 -45.70 -15.24 -24.32
N LYS C 360 -45.42 -14.36 -23.36
CA LYS C 360 -45.32 -14.77 -21.96
C LYS C 360 -46.60 -14.53 -21.18
N VAL C 361 -47.29 -13.42 -21.44
CA VAL C 361 -48.58 -13.15 -20.82
C VAL C 361 -49.65 -13.12 -21.90
N CYS C 362 -50.92 -12.99 -21.48
CA CYS C 362 -52.05 -13.07 -22.39
C CYS C 362 -52.55 -11.66 -22.71
N TYR C 363 -52.36 -11.24 -23.95
CA TYR C 363 -52.76 -9.90 -24.41
C TYR C 363 -54.10 -9.91 -25.13
N ARG C 364 -55.04 -10.73 -24.68
CA ARG C 364 -56.36 -10.82 -25.30
C ARG C 364 -57.44 -10.07 -24.51
N SER C 365 -57.36 -10.08 -23.18
CA SER C 365 -58.34 -9.39 -22.36
C SER C 365 -57.66 -8.88 -21.09
N LEU C 366 -58.36 -7.97 -20.41
CA LEU C 366 -57.84 -7.37 -19.19
C LEU C 366 -57.69 -8.41 -18.08
N GLU C 367 -58.71 -9.26 -17.89
CA GLU C 367 -58.66 -10.23 -16.81
C GLU C 367 -57.57 -11.27 -17.04
N GLU C 368 -57.37 -11.69 -18.28
CA GLU C 368 -56.32 -12.67 -18.56
C GLU C 368 -54.94 -12.09 -18.26
N MET C 369 -54.69 -10.85 -18.71
CA MET C 369 -53.39 -10.23 -18.47
C MET C 369 -53.21 -9.90 -17.00
N SER C 370 -54.29 -9.50 -16.32
CA SER C 370 -54.18 -9.23 -14.88
C SER C 370 -53.78 -10.48 -14.12
N GLU C 371 -54.38 -11.63 -14.46
CA GLU C 371 -53.97 -12.88 -13.84
C GLU C 371 -52.51 -13.21 -14.17
N ASP C 372 -52.12 -13.03 -15.44
CA ASP C 372 -50.78 -13.39 -15.87
C ASP C 372 -49.73 -12.47 -15.26
N VAL C 373 -49.97 -11.16 -15.28
CA VAL C 373 -48.99 -10.23 -14.73
C VAL C 373 -48.85 -10.42 -13.23
N TRP C 374 -49.94 -10.78 -12.54
CA TRP C 374 -49.86 -11.04 -11.11
C TRP C 374 -49.09 -12.32 -10.84
N ILE C 375 -49.28 -13.33 -11.70
CA ILE C 375 -48.55 -14.59 -11.54
C ILE C 375 -47.06 -14.36 -11.69
N VAL C 376 -46.66 -13.61 -12.72
CA VAL C 376 -45.24 -13.31 -12.92
C VAL C 376 -44.70 -12.46 -11.79
N MET C 377 -45.45 -11.44 -11.37
CA MET C 377 -45.00 -10.59 -10.28
C MET C 377 -44.89 -11.38 -8.98
N ARG C 378 -45.95 -12.10 -8.61
CA ARG C 378 -45.96 -12.83 -7.34
C ARG C 378 -44.79 -13.81 -7.24
N ASN C 379 -44.49 -14.52 -8.32
CA ASN C 379 -43.48 -15.58 -8.25
C ASN C 379 -42.07 -14.99 -8.37
N ARG C 380 -41.91 -13.97 -9.21
CA ARG C 380 -40.60 -13.33 -9.32
C ARG C 380 -40.15 -12.80 -7.96
N LEU C 381 -41.02 -12.05 -7.29
CA LEU C 381 -40.68 -11.51 -5.97
C LEU C 381 -40.41 -12.60 -4.94
N GLU C 382 -41.17 -13.69 -4.99
CA GLU C 382 -40.96 -14.78 -4.04
C GLU C 382 -39.59 -15.41 -4.23
N ALA C 383 -39.20 -15.69 -5.47
CA ALA C 383 -37.89 -16.29 -5.71
C ALA C 383 -36.78 -15.41 -5.15
N VAL C 384 -36.96 -14.09 -5.19
CA VAL C 384 -35.97 -13.19 -4.63
C VAL C 384 -36.01 -13.24 -3.10
N GLN C 385 -37.19 -13.14 -2.52
CA GLN C 385 -37.31 -13.23 -1.06
C GLN C 385 -36.76 -14.56 -0.55
N THR C 386 -36.89 -15.63 -1.34
CA THR C 386 -36.36 -16.92 -0.93
C THR C 386 -34.84 -16.89 -0.88
N ARG C 387 -34.21 -16.46 -1.97
CA ARG C 387 -32.75 -16.38 -2.01
C ARG C 387 -32.20 -15.49 -0.89
N MET C 388 -33.00 -14.53 -0.41
CA MET C 388 -32.54 -13.65 0.65
C MET C 388 -32.80 -14.35 1.99
N SER C 389 -33.95 -15.01 2.13
CA SER C 389 -34.33 -15.58 3.42
C SER C 389 -33.41 -16.73 3.89
N ASN C 390 -33.00 -17.58 2.96
CA ASN C 390 -32.26 -18.79 3.31
C ASN C 390 -30.89 -18.69 3.96
N GLU C 391 -30.16 -17.59 3.77
CA GLU C 391 -28.82 -17.50 4.33
C GLU C 391 -28.86 -17.27 5.84
N PRO D 5 14.37 8.99 -32.95
CA PRO D 5 14.17 8.38 -34.27
C PRO D 5 13.60 6.96 -34.15
N ILE D 6 14.48 5.96 -34.03
CA ILE D 6 14.03 4.56 -33.85
C ILE D 6 13.14 4.51 -32.60
N GLU D 7 13.44 5.35 -31.62
CA GLU D 7 12.62 5.40 -30.38
C GLU D 7 11.16 5.65 -30.79
N ALA D 8 10.95 6.55 -31.76
CA ALA D 8 9.58 6.79 -32.25
C ALA D 8 8.99 5.52 -32.84
N ASP D 9 9.80 4.76 -33.58
CA ASP D 9 9.31 3.51 -34.22
C ASP D 9 8.78 2.46 -33.25
N ILE D 10 9.42 2.33 -32.08
CA ILE D 10 8.99 1.31 -31.09
C ILE D 10 7.58 1.69 -30.57
N THR D 11 7.28 2.99 -30.61
CA THR D 11 5.92 3.45 -30.25
C THR D 11 5.04 2.65 -31.20
N SER D 12 4.17 1.79 -30.66
CA SER D 12 3.35 0.91 -31.53
C SER D 12 1.92 0.83 -31.00
N GLY D 13 0.97 0.39 -31.83
CA GLY D 13 -0.44 0.30 -31.42
C GLY D 13 -0.76 -1.05 -30.79
N GLN D 14 0.21 -1.64 -30.09
CA GLN D 14 -0.06 -2.92 -29.38
C GLN D 14 -1.23 -2.60 -28.45
N GLU D 15 -1.29 -1.36 -27.95
CA GLU D 15 -2.43 -0.94 -27.09
C GLU D 15 -3.73 -1.30 -27.82
N LEU D 16 -3.82 -0.92 -29.11
CA LEU D 16 -5.03 -1.21 -29.91
C LEU D 16 -5.41 -2.70 -29.94
N CYS D 17 -4.42 -3.58 -30.06
CA CYS D 17 -4.69 -5.04 -30.04
C CYS D 17 -5.30 -5.44 -28.69
N THR D 18 -4.87 -4.79 -27.60
CA THR D 18 -5.43 -5.08 -26.25
C THR D 18 -6.91 -4.70 -26.24
N GLU D 19 -7.28 -3.59 -26.90
CA GLU D 19 -8.71 -3.20 -26.98
C GLU D 19 -9.44 -4.29 -27.76
N LEU D 20 -8.83 -4.81 -28.82
CA LEU D 20 -9.44 -5.95 -29.55
C LEU D 20 -9.67 -7.20 -28.70
N ARG D 21 -8.76 -7.45 -27.75
CA ARG D 21 -8.94 -8.58 -26.80
C ARG D 21 -10.17 -8.30 -25.95
N LYS D 22 -10.40 -7.03 -25.61
CA LYS D 22 -11.54 -6.61 -24.78
C LYS D 22 -12.73 -7.14 -25.58
N THR D 23 -12.70 -6.96 -26.90
CA THR D 23 -13.79 -7.46 -27.77
C THR D 23 -13.93 -8.98 -27.60
N ILE D 24 -12.80 -9.70 -27.65
CA ILE D 24 -12.83 -11.18 -27.54
C ILE D 24 -13.28 -11.57 -26.13
N GLU D 25 -12.90 -10.77 -25.13
CA GLU D 25 -13.26 -11.08 -23.72
C GLU D 25 -14.79 -11.10 -23.64
N LYS D 26 -15.43 -10.11 -24.27
CA LYS D 26 -16.91 -10.04 -24.25
C LYS D 26 -17.48 -11.35 -24.82
N VAL D 27 -16.94 -11.83 -25.93
CA VAL D 27 -17.42 -13.08 -26.57
C VAL D 27 -17.20 -14.24 -25.59
N HIS D 28 -16.07 -14.23 -24.88
CA HIS D 28 -15.75 -15.35 -23.94
C HIS D 28 -16.91 -15.56 -22.98
N HIS D 29 -17.40 -14.48 -22.37
CA HIS D 29 -18.49 -14.59 -21.37
C HIS D 29 -19.65 -15.44 -21.91
N ASP D 41 -20.07 -25.76 -28.01
CA ASP D 41 -20.04 -24.54 -27.17
C ASP D 41 -18.88 -24.65 -26.17
N MET D 42 -18.72 -25.83 -25.55
CA MET D 42 -17.60 -26.05 -24.60
C MET D 42 -16.28 -25.85 -25.34
N GLU D 43 -16.17 -26.43 -26.55
CA GLU D 43 -14.94 -26.24 -27.36
C GLU D 43 -14.73 -24.73 -27.56
N ARG D 44 -15.79 -24.02 -27.94
CA ARG D 44 -15.69 -22.56 -28.17
C ARG D 44 -15.31 -21.95 -26.82
N SER D 45 -15.92 -22.42 -25.73
CA SER D 45 -15.68 -21.84 -24.37
C SER D 45 -14.20 -21.93 -23.97
N ILE D 46 -13.58 -23.10 -24.17
CA ILE D 46 -12.12 -23.25 -23.88
C ILE D 46 -11.26 -22.42 -24.83
N LYS D 47 -11.70 -22.29 -26.09
CA LYS D 47 -10.93 -21.51 -27.09
C LYS D 47 -10.95 -20.08 -26.53
N ILE D 48 -12.13 -19.57 -26.18
CA ILE D 48 -12.19 -18.19 -25.61
C ILE D 48 -11.21 -17.89 -24.34
N GLU D 49 -11.35 -18.85 -23.43
CA GLU D 49 -10.36 -18.99 -22.32
C GLU D 49 -8.88 -18.92 -22.68
N GLY D 50 -8.44 -19.75 -23.63
CA GLY D 50 -7.04 -19.74 -24.08
C GLY D 50 -6.41 -18.46 -24.59
N ILE D 51 -7.14 -17.75 -25.45
CA ILE D 51 -6.62 -16.41 -25.92
C ILE D 51 -6.74 -15.39 -24.74
N LEU D 52 -7.67 -15.73 -23.83
CA LEU D 52 -7.83 -14.96 -22.58
C LEU D 52 -6.36 -14.93 -22.09
N LYS D 53 -5.79 -16.13 -21.92
CA LYS D 53 -4.37 -16.25 -21.53
C LYS D 53 -3.33 -15.68 -22.52
N GLY D 54 -3.55 -15.89 -23.82
CA GLY D 54 -2.63 -15.33 -24.83
C GLY D 54 -2.43 -13.82 -24.82
N LEU D 55 -3.52 -13.07 -24.62
CA LEU D 55 -3.40 -11.58 -24.48
C LEU D 55 -2.84 -11.07 -23.09
N LYS D 56 -2.96 -11.99 -22.13
CA LYS D 56 -2.29 -11.77 -20.81
C LYS D 56 -0.83 -11.69 -21.28
N GLN D 57 -0.42 -12.62 -22.14
CA GLN D 57 0.97 -12.61 -22.67
C GLN D 57 1.19 -11.30 -23.44
N VAL D 58 0.19 -10.88 -24.22
CA VAL D 58 0.29 -9.62 -24.99
C VAL D 58 0.58 -8.48 -24.01
N GLU D 59 -0.10 -8.49 -22.86
CA GLU D 59 0.11 -7.44 -21.83
C GLU D 59 1.57 -7.39 -21.39
N ASP D 60 2.20 -8.54 -21.19
CA ASP D 60 3.62 -8.59 -20.77
C ASP D 60 4.51 -7.94 -21.83
N GLU D 61 4.23 -8.23 -23.11
CA GLU D 61 5.03 -7.66 -24.22
C GLU D 61 4.91 -6.13 -24.09
N ILE D 62 3.69 -5.64 -23.84
CA ILE D 62 3.48 -4.18 -23.67
C ILE D 62 4.13 -3.74 -22.35
N VAL D 63 4.05 -4.57 -21.32
CA VAL D 63 4.58 -4.20 -19.98
C VAL D 63 6.07 -3.84 -20.11
N LEU D 64 6.84 -4.65 -20.84
CA LEU D 64 8.30 -4.40 -20.96
C LEU D 64 8.55 -3.45 -22.14
N LEU D 65 7.57 -3.32 -23.04
CA LEU D 65 7.71 -2.44 -24.23
C LEU D 65 7.82 -0.99 -23.75
N VAL D 66 6.98 -0.60 -22.78
CA VAL D 66 6.96 0.83 -22.32
C VAL D 66 8.35 1.21 -21.78
N PRO D 67 8.98 0.40 -20.90
CA PRO D 67 10.32 0.69 -20.41
C PRO D 67 11.26 0.99 -21.59
N GLN D 68 11.07 0.27 -22.71
CA GLN D 68 11.95 0.47 -23.88
C GLN D 68 11.92 1.95 -24.29
N MET D 69 10.74 2.58 -24.27
CA MET D 69 10.64 4.02 -24.60
C MET D 69 11.52 4.81 -23.62
N ASN D 134 5.30 54.39 -17.24
CA ASN D 134 6.72 54.02 -17.03
C ASN D 134 7.13 52.99 -18.09
N GLU D 135 8.44 52.88 -18.36
CA GLU D 135 8.94 51.88 -19.36
C GLU D 135 9.72 50.79 -18.63
N LEU D 136 9.19 49.57 -18.59
CA LEU D 136 9.89 48.43 -17.95
C LEU D 136 10.78 47.75 -19.00
N ARG D 137 11.67 46.85 -18.58
CA ARG D 137 12.60 46.22 -19.55
C ARG D 137 12.16 44.79 -19.79
N PHE D 138 12.25 43.93 -18.78
CA PHE D 138 11.76 42.56 -18.93
C PHE D 138 10.45 42.55 -19.70
N LEU D 139 9.61 43.55 -19.44
CA LEU D 139 8.37 43.67 -20.19
C LEU D 139 8.63 43.67 -21.69
N ASP D 140 9.54 44.52 -22.16
CA ASP D 140 9.93 44.48 -23.55
C ASP D 140 10.46 43.09 -23.91
N GLU D 141 11.35 42.53 -23.08
CA GLU D 141 11.85 41.18 -23.30
C GLU D 141 10.72 40.17 -23.39
N GLY D 142 9.87 40.12 -22.36
CA GLY D 142 8.77 39.16 -22.38
C GLY D 142 7.88 39.35 -23.59
N MET D 143 7.75 40.60 -24.04
CA MET D 143 6.91 40.88 -25.23
C MET D 143 7.58 40.23 -26.45
N GLN D 144 8.80 40.65 -26.76
CA GLN D 144 9.53 40.10 -27.93
C GLN D 144 9.61 38.58 -27.82
N ALA D 145 9.88 38.08 -26.60
CA ALA D 145 9.99 36.62 -26.39
C ALA D 145 8.68 35.96 -26.81
N ALA D 146 7.55 36.53 -26.41
CA ALA D 146 6.24 35.97 -26.78
C ALA D 146 6.06 36.06 -28.30
N LEU D 147 6.52 37.16 -28.91
CA LEU D 147 6.31 37.36 -30.37
C LEU D 147 6.97 36.23 -31.17
N ASN D 148 8.26 35.98 -30.93
CA ASN D 148 8.98 34.96 -31.74
C ASN D 148 9.27 33.73 -30.87
N GLY D 149 9.80 33.95 -29.67
CA GLY D 149 10.15 32.83 -28.77
C GLY D 149 8.93 32.03 -28.35
N GLU D 150 9.14 30.90 -27.69
CA GLU D 150 8.03 30.05 -27.26
C GLU D 150 7.79 30.26 -25.77
N VAL D 151 6.78 31.07 -25.46
CA VAL D 151 6.27 31.22 -24.10
C VAL D 151 5.05 30.31 -24.03
N LYS D 152 5.27 29.07 -23.57
CA LYS D 152 4.21 28.08 -23.48
C LYS D 152 3.79 27.86 -22.03
N TYR D 153 2.48 27.93 -21.81
CA TYR D 153 1.91 27.68 -20.45
C TYR D 153 0.88 26.55 -20.56
N ARG D 154 0.63 25.84 -19.45
CA ARG D 154 -0.33 24.71 -19.46
C ARG D 154 -1.75 25.24 -19.70
N LYS D 155 -2.11 26.34 -19.04
CA LYS D 155 -3.49 26.88 -19.15
C LYS D 155 -3.45 28.42 -19.16
N SER D 156 -4.43 29.05 -19.81
CA SER D 156 -4.47 30.54 -19.88
C SER D 156 -5.33 31.09 -18.74
N ARG D 157 -4.76 31.94 -17.88
CA ARG D 157 -5.56 32.59 -16.81
C ARG D 157 -5.61 34.09 -17.15
N MET D 158 -5.71 34.42 -18.43
CA MET D 158 -5.73 35.84 -18.87
C MET D 158 -6.78 36.60 -18.06
N GLU D 159 -8.01 36.08 -18.03
CA GLU D 159 -9.11 36.79 -17.33
C GLU D 159 -8.83 36.81 -15.83
N PHE D 160 -8.25 35.73 -15.29
CA PHE D 160 -8.07 35.67 -13.84
C PHE D 160 -7.19 36.81 -13.33
N CYS D 161 -6.07 37.06 -14.00
CA CYS D 161 -5.15 38.12 -13.61
C CYS D 161 -5.46 39.44 -14.28
N LYS D 162 -6.60 39.56 -14.96
CA LYS D 162 -7.15 40.84 -15.41
C LYS D 162 -6.15 41.51 -16.35
N CYS D 163 -5.82 40.83 -17.46
CA CYS D 163 -4.76 41.35 -18.36
C CYS D 163 -5.31 42.06 -19.61
N ASP D 164 -4.45 42.75 -20.36
CA ASP D 164 -4.79 43.46 -21.57
C ASP D 164 -5.30 42.44 -22.65
N SER D 165 -4.37 41.57 -23.05
CA SER D 165 -4.69 40.48 -24.01
C SER D 165 -3.86 39.25 -23.61
N GLU D 166 -4.10 38.10 -24.23
CA GLU D 166 -3.36 36.84 -23.93
C GLU D 166 -1.86 37.09 -24.13
N THR D 167 -1.49 37.77 -25.21
CA THR D 167 -0.05 38.01 -25.50
C THR D 167 0.59 38.74 -24.32
N ASP D 168 -0.10 39.74 -23.77
CA ASP D 168 0.43 40.51 -22.61
C ASP D 168 0.58 39.47 -21.51
N PHE D 169 -0.35 38.52 -21.42
CA PHE D 169 -0.27 37.45 -20.40
C PHE D 169 1.07 36.71 -20.54
N ALA D 170 1.39 36.28 -21.77
CA ALA D 170 2.65 35.56 -22.02
C ALA D 170 3.91 36.30 -21.53
N ALA D 171 3.98 37.60 -21.81
CA ALA D 171 5.14 38.40 -21.38
C ALA D 171 5.17 38.49 -19.85
N LYS D 172 4.03 38.83 -19.24
CA LYS D 172 3.97 38.97 -17.76
C LYS D 172 4.34 37.61 -17.17
N LEU D 173 3.71 36.54 -17.68
CA LEU D 173 4.01 35.16 -17.18
C LEU D 173 5.50 34.88 -17.38
N TYR D 174 6.01 35.18 -18.58
CA TYR D 174 7.45 34.95 -18.87
C TYR D 174 8.39 35.58 -17.84
N CYS D 175 8.23 36.88 -17.61
CA CYS D 175 9.10 37.60 -16.63
C CYS D 175 8.81 37.08 -15.22
N VAL D 176 7.53 36.83 -14.91
CA VAL D 176 7.15 36.34 -13.55
C VAL D 176 7.90 35.02 -13.35
N ARG D 177 7.85 34.14 -14.35
CA ARG D 177 8.51 32.81 -14.22
C ARG D 177 9.98 33.04 -13.87
N GLN D 178 10.67 33.86 -14.67
CA GLN D 178 12.12 34.09 -14.45
C GLN D 178 12.37 34.69 -13.07
N ALA D 179 11.58 35.71 -12.69
CA ALA D 179 11.81 36.39 -11.39
C ALA D 179 11.71 35.38 -10.26
N LEU D 180 10.64 34.58 -10.25
CA LEU D 180 10.42 33.60 -9.15
C LEU D 180 11.59 32.61 -9.14
N THR D 181 11.89 32.01 -10.30
CA THR D 181 12.96 30.99 -10.37
C THR D 181 14.28 31.62 -9.93
N ASN D 182 14.56 32.84 -10.41
CA ASN D 182 15.83 33.53 -10.07
C ASN D 182 15.87 33.75 -8.56
N ALA D 183 14.81 34.32 -8.00
CA ALA D 183 14.76 34.58 -6.55
C ALA D 183 14.98 33.26 -5.81
N LEU D 184 14.41 32.17 -6.33
CA LEU D 184 14.53 30.88 -5.67
C LEU D 184 15.90 30.23 -5.88
N LYS D 185 16.80 30.88 -6.61
CA LYS D 185 18.19 30.42 -6.60
C LYS D 185 18.81 30.60 -5.21
N ASP D 186 18.29 31.55 -4.44
CA ASP D 186 18.72 31.73 -3.06
C ASP D 186 18.24 30.56 -2.22
N GLU D 187 19.18 29.86 -1.58
CA GLU D 187 18.81 28.72 -0.75
C GLU D 187 18.11 29.15 0.53
N HIS D 188 18.42 30.33 1.04
CA HIS D 188 17.73 30.82 2.22
C HIS D 188 16.25 31.07 1.94
N LYS D 189 15.93 31.60 0.77
CA LYS D 189 14.54 31.86 0.42
C LYS D 189 13.78 30.56 0.17
N ARG D 190 14.41 29.60 -0.48
CA ARG D 190 13.79 28.28 -0.65
C ARG D 190 13.47 27.66 0.71
N VAL D 191 14.42 27.73 1.65
CA VAL D 191 14.21 27.13 2.96
C VAL D 191 13.10 27.84 3.73
N TRP D 192 13.10 29.18 3.70
CA TRP D 192 12.08 29.92 4.44
C TRP D 192 10.69 29.61 3.91
N LEU D 193 10.52 29.63 2.59
CA LEU D 193 9.18 29.43 2.03
C LEU D 193 8.68 28.03 2.33
N ALA D 194 9.54 27.03 2.18
CA ALA D 194 9.15 25.67 2.56
C ALA D 194 8.76 25.61 4.03
N LYS D 195 9.58 26.22 4.89
CA LYS D 195 9.26 26.27 6.31
C LYS D 195 7.92 26.96 6.56
N CYS D 196 7.63 28.02 5.80
CA CYS D 196 6.37 28.73 5.98
C CYS D 196 5.19 27.90 5.50
N GLY D 197 5.28 27.34 4.29
CA GLY D 197 4.21 26.49 3.81
C GLY D 197 4.00 25.27 4.68
N ARG D 198 5.08 24.73 5.26
CA ARG D 198 4.96 23.60 6.16
C ARG D 198 4.14 23.96 7.40
N THR D 199 4.57 24.99 8.13
CA THR D 199 3.85 25.38 9.34
C THR D 199 2.45 25.86 8.98
N LEU D 200 2.28 26.38 7.78
CA LEU D 200 0.96 26.84 7.34
C LEU D 200 -0.03 25.69 7.24
N LEU D 201 0.30 24.69 6.42
CA LEU D 201 -0.57 23.54 6.25
C LEU D 201 -0.77 22.74 7.53
N ALA D 202 0.23 22.72 8.40
CA ALA D 202 0.08 22.02 9.67
C ALA D 202 -1.01 22.69 10.51
N ASP D 203 -0.98 24.02 10.58
CA ASP D 203 -2.03 24.74 11.29
C ASP D 203 -3.42 24.41 10.76
N PHE D 204 -3.56 24.17 9.46
CA PHE D 204 -4.87 23.78 8.93
C PHE D 204 -5.32 22.44 9.53
N ILE D 205 -4.46 21.42 9.43
CA ILE D 205 -4.80 20.13 10.00
C ILE D 205 -5.00 20.25 11.50
N ARG D 206 -4.26 21.16 12.15
CA ARG D 206 -4.46 21.40 13.57
C ARG D 206 -5.85 21.96 13.84
N HIS D 207 -6.29 22.92 13.02
CA HIS D 207 -7.59 23.55 13.24
C HIS D 207 -8.74 22.56 13.18
N THR D 208 -8.56 21.44 12.48
CA THR D 208 -9.52 20.34 12.50
C THR D 208 -9.34 19.41 13.68
N LYS D 209 -8.66 19.86 14.73
CA LYS D 209 -8.40 19.04 15.91
C LYS D 209 -7.71 17.73 15.53
N GLN D 210 -6.80 17.81 14.57
CA GLN D 210 -6.12 16.64 14.04
C GLN D 210 -4.61 16.75 14.25
N ASP D 211 -3.91 15.66 13.95
CA ASP D 211 -2.46 15.57 14.08
C ASP D 211 -1.82 15.60 12.70
N PRO D 212 -0.86 16.51 12.47
CA PRO D 212 -0.28 16.65 11.13
C PRO D 212 0.96 15.81 10.92
N VAL D 213 1.10 14.72 11.69
CA VAL D 213 2.31 13.91 11.60
C VAL D 213 2.45 13.30 10.21
N LYS D 214 1.38 12.68 9.70
CA LYS D 214 1.44 12.05 8.39
C LYS D 214 1.72 13.08 7.30
N PHE D 215 1.15 14.28 7.43
CA PHE D 215 1.44 15.34 6.47
C PHE D 215 2.92 15.72 6.51
N PHE D 216 3.48 15.86 7.71
CA PHE D 216 4.89 16.20 7.83
C PHE D 216 5.76 15.17 7.11
N ASN D 217 5.40 13.89 7.22
CA ASN D 217 6.12 12.86 6.49
C ASN D 217 5.98 13.05 4.98
N ALA D 218 4.76 13.29 4.51
CA ALA D 218 4.52 13.50 3.08
C ALA D 218 5.16 14.79 2.61
N TYR D 219 5.08 15.86 3.41
CA TYR D 219 5.71 17.13 3.04
C TYR D 219 7.21 16.96 2.89
N ASP D 220 7.85 16.32 3.86
CA ASP D 220 9.31 16.15 3.82
C ASP D 220 9.74 15.22 2.69
N GLU D 221 9.02 14.10 2.51
CA GLU D 221 9.39 13.14 1.48
C GLU D 221 9.52 13.81 0.11
N MET D 222 8.60 14.73 -0.22
CA MET D 222 8.74 15.44 -1.50
C MET D 222 9.84 16.48 -1.44
N LEU D 223 10.06 17.11 -0.28
CA LEU D 223 11.14 18.07 -0.19
C LEU D 223 12.48 17.41 -0.47
N GLU D 224 12.68 16.20 0.06
CA GLU D 224 13.86 15.43 -0.27
C GLU D 224 13.87 15.10 -1.76
N TYR D 225 12.69 14.84 -2.32
CA TYR D 225 12.58 14.45 -3.72
C TYR D 225 13.02 15.58 -4.65
N VAL D 226 12.49 16.80 -4.43
CA VAL D 226 12.82 17.91 -5.31
C VAL D 226 14.21 18.43 -5.06
N SER D 227 14.69 18.36 -3.82
CA SER D 227 16.05 18.81 -3.52
C SER D 227 17.08 17.93 -4.21
N ASN D 228 16.80 16.64 -4.34
CA ASN D 228 17.70 15.70 -5.03
C ASN D 228 17.57 15.90 -6.52
N ASP D 229 18.63 16.41 -7.16
CA ASP D 229 18.57 16.72 -8.58
C ASP D 229 18.53 15.47 -9.44
N ARG D 230 18.87 14.30 -8.88
CA ARG D 230 18.80 13.06 -9.64
C ARG D 230 17.37 12.70 -10.01
N ASN D 231 16.39 13.24 -9.29
CA ASN D 231 14.98 13.02 -9.60
C ASN D 231 14.43 14.08 -10.55
N GLU D 232 15.30 14.91 -11.13
CA GLU D 232 14.83 16.03 -11.95
C GLU D 232 14.16 15.53 -13.23
N GLU D 233 14.81 14.60 -13.94
CA GLU D 233 14.24 14.07 -15.16
C GLU D 233 12.87 13.44 -14.89
N GLN D 234 12.78 12.62 -13.84
CA GLN D 234 11.50 12.01 -13.49
C GLN D 234 10.45 13.07 -13.21
N LEU D 235 10.82 14.13 -12.49
CA LEU D 235 9.88 15.20 -12.19
C LEU D 235 9.43 15.80 -13.52
N ARG D 236 10.32 15.83 -14.51
CA ARG D 236 9.92 16.30 -15.83
C ARG D 236 8.82 15.42 -16.42
N GLN D 237 9.13 14.14 -16.61
CA GLN D 237 8.16 13.20 -17.20
C GLN D 237 6.76 13.20 -16.60
N ASP D 238 6.66 13.42 -15.29
CA ASP D 238 5.36 13.48 -14.63
C ASP D 238 4.59 14.73 -15.07
N VAL D 239 5.08 15.91 -14.69
CA VAL D 239 4.38 17.14 -15.02
C VAL D 239 4.33 17.33 -16.52
N GLU D 240 5.40 16.92 -17.23
CA GLU D 240 5.37 16.96 -18.69
C GLU D 240 4.22 16.09 -19.22
N GLY D 241 3.94 14.98 -18.55
CA GLY D 241 2.84 14.12 -18.93
C GLY D 241 1.48 14.70 -18.67
N ARG D 242 1.37 15.63 -17.72
CA ARG D 242 0.12 16.32 -17.46
C ARG D 242 0.00 17.65 -18.21
N GLY D 243 0.84 17.88 -19.21
CA GLY D 243 0.70 19.04 -20.05
C GLY D 243 1.39 20.30 -19.55
N VAL D 244 2.16 20.22 -18.47
CA VAL D 244 2.85 21.40 -17.97
C VAL D 244 4.03 21.73 -18.87
N CYS D 245 4.27 23.02 -19.10
CA CYS D 245 5.28 23.47 -20.06
C CYS D 245 6.63 23.67 -19.40
N GLU D 246 6.71 24.59 -18.44
CA GLU D 246 7.95 24.83 -17.71
C GLU D 246 7.89 24.15 -16.35
N THR D 247 9.06 23.92 -15.76
CA THR D 247 9.17 23.25 -14.47
C THR D 247 9.58 24.21 -13.36
N GLY D 248 9.43 25.51 -13.58
CA GLY D 248 9.69 26.49 -12.56
C GLY D 248 8.71 26.36 -11.41
N PHE D 249 8.85 27.26 -10.44
CA PHE D 249 7.96 27.25 -9.29
C PHE D 249 6.53 27.57 -9.70
N TYR D 250 6.35 28.66 -10.47
CA TYR D 250 4.99 29.09 -10.80
C TYR D 250 4.25 28.03 -11.59
N ASP D 251 4.89 27.41 -12.58
CA ASP D 251 4.20 26.49 -13.47
C ASP D 251 3.76 25.23 -12.73
N VAL D 252 4.59 24.71 -11.84
CA VAL D 252 4.29 23.46 -11.16
C VAL D 252 3.55 23.69 -9.84
N ALA D 253 3.93 24.69 -9.07
CA ALA D 253 3.35 24.90 -7.75
C ALA D 253 2.06 25.71 -7.82
N ILE D 254 2.11 26.90 -8.41
CA ILE D 254 0.95 27.78 -8.40
C ILE D 254 -0.06 27.35 -9.45
N ASP D 255 0.36 27.30 -10.72
CA ASP D 255 -0.58 27.03 -11.80
C ASP D 255 -1.10 25.60 -11.75
N PHE D 256 -0.24 24.64 -11.46
CA PHE D 256 -0.59 23.23 -11.61
C PHE D 256 -1.31 22.65 -10.39
N ILE D 257 -0.92 23.08 -9.19
CA ILE D 257 -1.48 22.42 -7.97
C ILE D 257 -2.45 23.33 -7.22
N ILE D 258 -1.97 24.46 -6.70
CA ILE D 258 -2.83 25.30 -5.85
C ILE D 258 -4.02 25.81 -6.64
N LEU D 259 -3.77 26.51 -7.74
CA LEU D 259 -4.87 27.11 -8.49
C LEU D 259 -5.83 26.03 -9.00
N ASP D 260 -5.31 24.86 -9.37
CA ASP D 260 -6.19 23.74 -9.68
C ASP D 260 -6.97 23.30 -8.45
N ALA D 261 -6.35 23.38 -7.28
CA ALA D 261 -7.03 22.99 -6.05
C ALA D 261 -8.15 23.96 -5.71
N PHE D 262 -7.90 25.27 -5.87
CA PHE D 262 -8.95 26.26 -5.64
C PHE D 262 -10.12 26.05 -6.59
N GLU D 263 -9.86 25.55 -7.80
CA GLU D 263 -10.92 25.34 -8.78
C GLU D 263 -11.71 24.07 -8.48
N ASP D 264 -11.01 22.96 -8.18
CA ASP D 264 -11.71 21.71 -7.92
C ASP D 264 -12.56 21.81 -6.67
N LEU D 265 -12.16 22.63 -5.69
CA LEU D 265 -12.97 22.83 -4.50
C LEU D 265 -14.22 23.65 -4.76
N LYS D 266 -14.33 24.29 -5.92
CA LYS D 266 -15.54 25.03 -6.27
C LYS D 266 -16.56 24.17 -7.00
N SER D 267 -16.15 23.00 -7.51
CA SER D 267 -17.04 22.08 -8.21
C SER D 267 -16.85 20.70 -7.60
N PRO D 268 -17.28 20.52 -6.35
CA PRO D 268 -17.10 19.22 -5.68
C PRO D 268 -18.20 18.26 -6.08
N PRO D 269 -17.95 16.96 -5.99
CA PRO D 269 -19.01 15.99 -6.28
C PRO D 269 -20.23 16.25 -5.39
N SER D 270 -21.40 15.94 -5.95
CA SER D 270 -22.64 16.16 -5.19
C SER D 270 -22.63 15.43 -3.86
N ALA D 271 -21.94 14.29 -3.78
CA ALA D 271 -21.91 13.52 -2.54
C ALA D 271 -21.06 14.19 -1.48
N VAL D 272 -19.81 14.50 -1.83
CA VAL D 272 -18.88 15.03 -0.83
C VAL D 272 -19.35 16.38 -0.31
N TYR D 273 -19.99 17.19 -1.16
CA TYR D 273 -20.42 18.51 -0.72
C TYR D 273 -21.58 18.42 0.26
N SER D 274 -22.53 17.52 0.00
CA SER D 274 -23.65 17.36 0.92
C SER D 274 -23.18 16.87 2.29
N VAL D 275 -22.09 16.13 2.36
CA VAL D 275 -21.60 15.62 3.63
C VAL D 275 -20.91 16.73 4.41
N THR D 276 -20.07 17.52 3.72
CA THR D 276 -19.36 18.59 4.41
C THR D 276 -20.33 19.59 5.01
N LYS D 277 -21.33 20.01 4.24
CA LYS D 277 -22.29 21.02 4.66
C LYS D 277 -23.46 20.47 5.48
N ASN D 278 -23.30 19.31 6.11
CA ASN D 278 -24.35 18.73 6.93
C ASN D 278 -24.29 19.39 8.31
N TYR D 279 -25.24 20.29 8.57
CA TYR D 279 -25.26 20.98 9.86
C TYR D 279 -25.68 20.06 10.99
N PHE D 280 -25.89 18.77 10.74
CA PHE D 280 -26.26 17.83 11.78
C PHE D 280 -25.14 16.88 12.15
N MET D 281 -23.97 17.01 11.54
CA MET D 281 -22.80 16.22 11.86
C MET D 281 -21.75 17.03 12.62
N SER D 282 -21.04 16.36 13.51
CA SER D 282 -19.96 17.01 14.23
C SER D 282 -18.78 17.26 13.29
N MET D 283 -17.82 18.04 13.78
CA MET D 283 -16.56 18.21 13.05
C MET D 283 -15.87 16.87 12.84
N SER D 284 -15.89 16.01 13.86
CA SER D 284 -15.24 14.71 13.74
C SER D 284 -15.87 13.85 12.66
N MET D 285 -17.21 13.78 12.63
CA MET D 285 -17.88 12.96 11.64
C MET D 285 -17.53 13.39 10.23
N LYS D 286 -17.50 14.71 9.98
CA LYS D 286 -17.19 15.20 8.65
C LYS D 286 -15.78 14.82 8.21
N TYR D 287 -14.77 15.14 9.03
CA TYR D 287 -13.40 14.86 8.65
C TYR D 287 -13.16 13.37 8.44
N SER D 288 -13.70 12.53 9.33
CA SER D 288 -13.50 11.09 9.20
C SER D 288 -14.10 10.58 7.89
N THR D 289 -15.32 11.00 7.59
CA THR D 289 -15.93 10.60 6.31
C THR D 289 -15.17 11.04 5.07
N LEU D 290 -14.72 12.30 5.05
CA LEU D 290 -13.98 12.79 3.88
C LEU D 290 -12.59 12.17 3.75
N ASN D 291 -11.97 11.86 4.90
CA ASN D 291 -10.65 11.25 4.87
C ASN D 291 -10.82 9.89 4.20
N THR D 292 -11.85 9.14 4.58
CA THR D 292 -12.10 7.84 3.96
C THR D 292 -12.34 8.01 2.46
N ILE D 293 -13.16 9.00 2.09
CA ILE D 293 -13.45 9.23 0.66
C ILE D 293 -12.19 9.65 -0.07
N ILE D 294 -11.47 10.63 0.49
CA ILE D 294 -10.28 11.15 -0.19
C ILE D 294 -9.21 10.07 -0.30
N TRP D 295 -8.97 9.32 0.79
CA TRP D 295 -7.98 8.24 0.73
C TRP D 295 -8.33 7.22 -0.34
N SER D 296 -9.62 6.85 -0.43
CA SER D 296 -10.01 5.80 -1.36
C SER D 296 -9.95 6.28 -2.81
N ILE D 297 -10.23 7.56 -3.06
CA ILE D 297 -10.10 8.09 -4.41
C ILE D 297 -8.65 8.12 -4.83
N ILE D 298 -7.76 8.55 -3.93
CA ILE D 298 -6.34 8.60 -4.25
C ILE D 298 -5.78 7.21 -4.46
N LYS D 299 -6.28 6.22 -3.71
CA LYS D 299 -5.95 4.83 -4.02
C LYS D 299 -6.39 4.48 -5.44
N SER D 300 -7.57 4.94 -5.84
CA SER D 300 -8.05 4.67 -7.19
C SER D 300 -7.24 5.43 -8.24
N LYS D 301 -6.79 6.65 -7.91
CA LYS D 301 -5.95 7.40 -8.84
C LYS D 301 -4.51 6.90 -8.84
N ARG D 302 -3.99 6.53 -7.67
CA ARG D 302 -2.60 6.10 -7.59
C ARG D 302 -2.35 4.82 -8.38
N GLN D 303 -3.39 4.00 -8.57
CA GLN D 303 -3.22 2.77 -9.34
C GLN D 303 -2.82 3.06 -10.77
N ARG D 304 -3.24 4.20 -11.32
CA ARG D 304 -2.99 4.53 -12.71
C ARG D 304 -1.60 5.10 -12.97
N LEU D 305 -0.85 5.43 -11.93
CA LEU D 305 0.45 6.06 -12.12
C LEU D 305 1.46 5.08 -12.70
N LYS D 306 2.37 5.62 -13.53
CA LYS D 306 3.45 4.81 -14.09
C LYS D 306 4.64 4.70 -13.15
N ASN D 307 4.71 5.56 -12.12
CA ASN D 307 5.81 5.51 -11.17
C ASN D 307 5.28 5.70 -9.76
N PRO D 308 5.33 4.66 -8.91
CA PRO D 308 4.79 4.80 -7.56
C PRO D 308 5.65 5.64 -6.63
N ASP D 309 6.90 5.91 -6.99
CA ASP D 309 7.77 6.78 -6.22
C ASP D 309 8.14 8.05 -6.98
N GLY D 310 7.43 8.34 -8.07
CA GLY D 310 7.68 9.53 -8.86
C GLY D 310 7.09 10.77 -8.21
N PHE D 311 7.17 11.88 -8.96
CA PHE D 311 6.74 13.16 -8.42
C PHE D 311 5.24 13.17 -8.10
N ILE D 312 4.42 12.66 -9.02
CA ILE D 312 2.97 12.71 -8.81
C ILE D 312 2.58 11.89 -7.59
N ALA D 313 3.17 10.70 -7.43
CA ALA D 313 2.88 9.89 -6.26
C ALA D 313 3.33 10.58 -4.98
N LYS D 314 4.49 11.23 -5.01
CA LYS D 314 4.96 11.95 -3.83
C LYS D 314 4.03 13.09 -3.44
N PHE D 315 3.37 13.71 -4.42
CA PHE D 315 2.42 14.77 -4.10
C PHE D 315 1.10 14.19 -3.59
N TYR D 316 0.63 13.10 -4.19
CA TYR D 316 -0.54 12.42 -3.66
C TYR D 316 -0.37 12.12 -2.18
N ASN D 317 0.87 11.87 -1.74
CA ASN D 317 1.13 11.68 -0.32
C ASN D 317 0.74 12.94 0.46
N ILE D 318 1.05 14.12 -0.09
CA ILE D 318 0.64 15.37 0.55
C ILE D 318 -0.87 15.53 0.49
N SER D 319 -1.48 15.21 -0.65
CA SER D 319 -2.92 15.37 -0.79
C SER D 319 -3.68 14.46 0.17
N GLU D 320 -3.24 13.21 0.31
CA GLU D 320 -3.92 12.27 1.20
C GLU D 320 -4.00 12.79 2.63
N THR D 321 -3.07 13.64 3.04
CA THR D 321 -2.95 14.06 4.43
C THR D 321 -3.52 15.45 4.70
N VAL D 322 -3.30 16.41 3.80
CA VAL D 322 -3.73 17.79 4.04
C VAL D 322 -5.06 18.11 3.36
N MET D 323 -5.47 17.35 2.36
CA MET D 323 -6.67 17.70 1.60
C MET D 323 -7.92 17.50 2.43
N PRO D 324 -8.04 16.40 3.19
CA PRO D 324 -9.21 16.26 4.07
C PRO D 324 -9.44 17.47 4.95
N ALA D 325 -8.38 17.99 5.57
CA ALA D 325 -8.54 19.16 6.43
C ALA D 325 -8.93 20.38 5.61
N ILE D 326 -8.37 20.54 4.41
CA ILE D 326 -8.62 21.74 3.62
C ILE D 326 -10.03 21.73 3.03
N THR D 327 -10.46 20.58 2.49
CA THR D 327 -11.82 20.50 1.95
C THR D 327 -12.86 20.76 3.03
N LEU D 328 -12.74 20.08 4.17
CA LEU D 328 -13.65 20.33 5.27
C LEU D 328 -13.64 21.79 5.69
N GLY D 329 -12.49 22.46 5.51
CA GLY D 329 -12.43 23.88 5.82
C GLY D 329 -13.22 24.70 4.83
N PHE D 330 -12.98 24.48 3.53
CA PHE D 330 -13.62 25.30 2.50
C PHE D 330 -15.12 24.99 2.42
N LEU D 331 -15.49 23.72 2.57
CA LEU D 331 -16.86 23.28 2.32
C LEU D 331 -17.61 22.90 3.59
N GLY D 332 -17.06 23.21 4.76
CA GLY D 332 -17.67 22.86 6.02
C GLY D 332 -18.68 23.88 6.50
N THR D 333 -19.08 23.72 7.76
CA THR D 333 -20.03 24.63 8.40
C THR D 333 -19.38 25.49 9.49
N ASP D 334 -18.09 25.31 9.74
CA ASP D 334 -17.39 26.13 10.73
C ASP D 334 -17.00 27.46 10.09
N GLU D 335 -17.48 28.56 10.68
CA GLU D 335 -17.16 29.87 10.14
C GLU D 335 -15.74 30.31 10.51
N ARG D 336 -15.19 29.81 11.62
CA ARG D 336 -13.81 30.10 11.95
C ARG D 336 -12.86 29.49 10.93
N LEU D 337 -12.97 28.18 10.72
CA LEU D 337 -12.12 27.52 9.75
C LEU D 337 -12.43 27.97 8.33
N GLY D 338 -13.71 28.21 8.04
CA GLY D 338 -14.08 28.66 6.71
C GLY D 338 -13.50 30.03 6.39
N GLU D 339 -13.53 30.95 7.36
CA GLU D 339 -12.96 32.27 7.13
C GLU D 339 -11.44 32.17 6.98
N LEU D 340 -10.80 31.33 7.79
CA LEU D 340 -9.36 31.11 7.63
C LEU D 340 -9.05 30.62 6.22
N CYS D 341 -9.81 29.63 5.74
CA CYS D 341 -9.62 29.14 4.37
C CYS D 341 -9.81 30.27 3.36
N GLN D 342 -10.86 31.08 3.54
CA GLN D 342 -11.12 32.17 2.61
C GLN D 342 -9.97 33.16 2.59
N TYR D 343 -9.46 33.53 3.78
CA TYR D 343 -8.31 34.44 3.84
C TYR D 343 -7.12 33.87 3.10
N PHE D 344 -6.86 32.56 3.26
CA PHE D 344 -5.79 31.90 2.53
C PHE D 344 -6.00 32.01 1.03
N LYS D 345 -7.21 31.69 0.57
CA LYS D 345 -7.50 31.76 -0.86
C LYS D 345 -7.37 33.19 -1.37
N GLU D 346 -7.91 34.16 -0.63
CA GLU D 346 -7.85 35.55 -1.06
C GLU D 346 -6.41 36.05 -1.12
N GLN D 347 -5.55 35.59 -0.21
CA GLN D 347 -4.18 36.07 -0.18
C GLN D 347 -3.38 35.53 -1.36
N VAL D 348 -3.57 34.25 -1.71
CA VAL D 348 -2.87 33.68 -2.85
C VAL D 348 -3.33 34.33 -4.15
N VAL D 349 -4.64 34.57 -4.27
CA VAL D 349 -5.17 35.16 -5.50
C VAL D 349 -4.64 36.58 -5.69
N GLN D 350 -4.62 37.37 -4.62
CA GLN D 350 -4.11 38.73 -4.75
C GLN D 350 -2.61 38.76 -5.03
N PHE D 351 -1.87 37.77 -4.54
CA PHE D 351 -0.44 37.69 -4.87
C PHE D 351 -0.24 37.48 -6.36
N VAL D 352 -0.96 36.51 -6.94
CA VAL D 352 -0.88 36.30 -8.39
C VAL D 352 -1.32 37.55 -9.13
N LEU D 353 -2.28 38.29 -8.57
CA LEU D 353 -2.70 39.55 -9.18
C LEU D 353 -1.60 40.59 -9.11
N ASP D 354 -0.83 40.59 -8.01
CA ASP D 354 0.18 41.62 -7.81
C ASP D 354 1.38 41.41 -8.73
N VAL D 355 1.84 40.17 -8.86
CA VAL D 355 2.98 39.90 -9.73
C VAL D 355 2.63 40.14 -11.19
N PHE D 356 1.34 40.15 -11.52
CA PHE D 356 0.87 40.43 -12.87
C PHE D 356 0.39 41.88 -13.02
N ASN D 357 0.96 42.79 -12.22
CA ASN D 357 0.63 44.21 -12.27
C ASN D 357 1.94 44.98 -12.41
N THR D 358 2.05 45.77 -13.49
CA THR D 358 3.28 46.51 -13.71
C THR D 358 3.46 47.67 -12.73
N GLN D 359 2.36 48.30 -12.31
CA GLN D 359 2.43 49.43 -11.37
C GLN D 359 2.28 49.02 -9.92
N TYR D 363 9.55 46.83 -10.23
CA TYR D 363 9.85 45.80 -11.25
C TYR D 363 10.69 46.51 -12.32
N ARG D 364 10.23 46.49 -13.58
CA ARG D 364 10.97 47.14 -14.70
C ARG D 364 12.23 46.32 -15.03
N SER D 365 12.98 45.91 -14.01
CA SER D 365 14.18 45.07 -14.23
C SER D 365 13.93 43.66 -13.70
N LEU D 366 14.58 42.64 -14.30
CA LEU D 366 14.39 41.24 -13.86
C LEU D 366 14.73 41.14 -12.37
N GLU D 367 15.92 41.63 -12.00
CA GLU D 367 16.34 41.60 -10.57
C GLU D 367 15.34 42.42 -9.76
N GLU D 368 14.91 43.56 -10.30
CA GLU D 368 13.91 44.42 -9.60
C GLU D 368 12.60 43.65 -9.49
N MET D 369 12.17 42.97 -10.56
CA MET D 369 10.98 42.12 -10.45
C MET D 369 11.17 40.90 -9.54
N SER D 370 12.38 40.32 -9.60
CA SER D 370 12.72 39.24 -8.69
C SER D 370 12.62 39.69 -7.24
N GLU D 371 13.13 40.89 -6.93
CA GLU D 371 12.97 41.43 -5.59
C GLU D 371 11.50 41.67 -5.27
N ASP D 372 10.75 42.24 -6.21
CA ASP D 372 9.37 42.63 -5.94
C ASP D 372 8.48 41.41 -5.72
N VAL D 373 8.64 40.38 -6.54
CA VAL D 373 7.78 39.20 -6.41
C VAL D 373 8.01 38.50 -5.08
N TRP D 374 9.24 38.54 -4.57
CA TRP D 374 9.52 37.90 -3.28
C TRP D 374 8.90 38.70 -2.15
N ILE D 375 8.89 40.03 -2.24
CA ILE D 375 8.32 40.84 -1.16
C ILE D 375 6.85 40.49 -0.98
N VAL D 376 6.09 40.50 -2.07
CA VAL D 376 4.67 40.16 -1.96
C VAL D 376 4.45 38.72 -1.53
N MET D 377 5.22 37.79 -2.08
CA MET D 377 5.10 36.39 -1.69
C MET D 377 5.43 36.20 -0.21
N ARG D 378 6.59 36.71 0.22
CA ARG D 378 6.97 36.56 1.63
C ARG D 378 5.91 37.15 2.54
N ASN D 379 5.32 38.27 2.15
CA ASN D 379 4.40 38.98 3.03
C ASN D 379 3.01 38.34 3.02
N ARG D 380 2.55 37.87 1.87
CA ARG D 380 1.24 37.20 1.81
C ARG D 380 1.24 35.93 2.66
N LEU D 381 2.24 35.07 2.47
CA LEU D 381 2.32 33.84 3.27
C LEU D 381 2.47 34.17 4.75
N GLU D 382 3.22 35.23 5.07
CA GLU D 382 3.38 35.62 6.47
C GLU D 382 2.04 36.03 7.07
N ALA D 383 1.27 36.83 6.34
CA ALA D 383 -0.04 37.26 6.83
C ALA D 383 -0.97 36.07 7.03
N VAL D 384 -0.86 35.05 6.17
CA VAL D 384 -1.73 33.88 6.28
C VAL D 384 -1.32 33.03 7.48
N GLN D 385 -0.03 32.72 7.59
CA GLN D 385 0.44 31.92 8.72
C GLN D 385 0.13 32.61 10.05
N THR D 386 0.13 33.95 10.08
CA THR D 386 -0.17 34.68 11.30
C THR D 386 -1.62 34.50 11.72
N ARG D 387 -2.56 34.80 10.82
CA ARG D 387 -3.98 34.65 11.12
C ARG D 387 -4.31 33.21 11.49
N MET D 388 -3.48 32.25 11.05
CA MET D 388 -3.71 30.85 11.37
C MET D 388 -3.25 30.51 12.78
N SER D 389 -2.05 30.97 13.17
CA SER D 389 -1.50 30.56 14.46
C SER D 389 -2.26 31.17 15.62
N ASN D 390 -2.83 32.37 15.43
CA ASN D 390 -3.50 33.03 16.54
C ASN D 390 -4.80 32.32 16.88
N GLU D 391 -5.43 31.67 15.91
CA GLU D 391 -6.68 30.96 16.11
C GLU D 391 -6.45 29.60 16.77
#